data_2NTB
#
_entry.id   2NTB
#
_cell.length_a   51.094
_cell.length_b   85.330
_cell.length_c   97.803
_cell.angle_alpha   90.00
_cell.angle_beta   93.55
_cell.angle_gamma   90.00
#
_symmetry.space_group_name_H-M   'P 1 21 1'
#
loop_
_entity.id
_entity.type
_entity.pdbx_description
1 polymer 'Pectinesterase A'
2 branched 'alpha-D-galactopyranuronic acid-(1-4)-alpha-D-galactopyranuronic acid-(1-4)-alpha-D-galactopyranuronic acid-(1-4)-alpha-D-galactopyranuronic acid-(1-4)-alpha-D-galactopyranuronic acid-(1-4)-alpha-D-galactopyranuronic acid'
3 water water
#
_entity_poly.entity_id   1
_entity_poly.type   'polypeptide(L)'
_entity_poly.pdbx_seq_one_letter_code
;ATTYNAVVSKSSSDGKTFKTIADAIASAPAGSTPFVILIKNGVYNERLTITRNNLHLKGESRNGAVIAAATAAGTLKSDG
SKWGTAGSSTITISAKDFSAQSLTIRNDFDFPANQAKSDSDSSKIKDTQAVALYVTKSGDRAYFKDVSLVGYQDTLYVSG
GRSFFSDCRISGTVDFIFGDGTALFNNCDLVSRYRADVKSGNVSGYLTAPSTNINQKYGLVITNSRVIRESDSVPAKSYG
LGRPWHPTTTFSDGRYADPNAIGQTVFLNTSMDNHIYGWDKMSGKDKNGNTIWFNPEDSRFFEYKSYGAGATVSKDRRQL
TDAQAAEYTQSKVLGDWTPTLP
;
_entity_poly.pdbx_strand_id   A,B
#
loop_
_chem_comp.id
_chem_comp.type
_chem_comp.name
_chem_comp.formula
ADA D-saccharide, alpha linking 'alpha-D-galactopyranuronic acid' 'C6 H10 O7'
#
# COMPACT_ATOMS: atom_id res chain seq x y z
N ALA A 1 -36.63 -8.08 14.31
CA ALA A 1 -37.82 -8.83 13.81
C ALA A 1 -37.58 -9.43 12.42
N THR A 2 -36.42 -10.06 12.25
CA THR A 2 -36.03 -10.64 10.96
C THR A 2 -36.64 -12.03 10.71
N THR A 3 -37.95 -12.04 10.45
CA THR A 3 -38.69 -13.28 10.16
C THR A 3 -38.72 -13.58 8.66
N TYR A 4 -38.92 -14.85 8.31
CA TYR A 4 -38.89 -15.27 6.91
C TYR A 4 -40.26 -15.63 6.36
N ASN A 5 -40.54 -15.16 5.15
CA ASN A 5 -41.79 -15.43 4.46
C ASN A 5 -41.87 -16.84 3.87
N ALA A 6 -40.71 -17.40 3.55
CA ALA A 6 -40.61 -18.76 3.02
C ALA A 6 -39.26 -19.36 3.41
N VAL A 7 -39.24 -20.67 3.63
CA VAL A 7 -38.00 -21.39 3.93
C VAL A 7 -37.78 -22.50 2.91
N VAL A 8 -36.56 -22.55 2.35
CA VAL A 8 -36.16 -23.60 1.43
C VAL A 8 -35.17 -24.51 2.14
N SER A 9 -35.37 -25.82 2.00
CA SER A 9 -34.43 -26.82 2.54
C SER A 9 -34.45 -28.12 1.74
N LYS A 10 -33.42 -28.94 1.95
CA LYS A 10 -33.28 -30.22 1.30
C LYS A 10 -34.09 -31.30 2.01
N SER A 11 -34.29 -31.13 3.33
CA SER A 11 -35.10 -32.04 4.13
C SER A 11 -36.59 -31.82 3.93
N SER A 12 -37.31 -32.91 3.68
CA SER A 12 -38.77 -32.90 3.67
C SER A 12 -39.29 -32.92 5.11
N SER A 13 -38.48 -33.49 6.00
CA SER A 13 -38.80 -33.58 7.43
C SER A 13 -38.41 -32.30 8.17
N ASP A 14 -38.41 -31.19 7.44
CA ASP A 14 -38.04 -29.89 7.98
C ASP A 14 -39.26 -29.15 8.53
N GLY A 15 -40.40 -29.34 7.85
CA GLY A 15 -41.64 -28.68 8.23
C GLY A 15 -42.41 -28.25 6.98
N LYS A 16 -42.77 -26.98 6.94
CA LYS A 16 -43.50 -26.40 5.80
C LYS A 16 -42.55 -25.69 4.83
N THR A 17 -41.47 -26.39 4.46
CA THR A 17 -40.40 -25.83 3.62
C THR A 17 -40.55 -26.18 2.15
N PHE A 18 -40.07 -25.30 1.28
CA PHE A 18 -40.03 -25.53 -0.17
C PHE A 18 -38.79 -26.33 -0.54
N LYS A 19 -38.95 -27.24 -1.50
CA LYS A 19 -37.84 -28.09 -1.95
C LYS A 19 -36.86 -27.33 -2.84
N THR A 20 -37.40 -26.45 -3.67
CA THR A 20 -36.59 -25.60 -4.54
C THR A 20 -36.74 -24.11 -4.20
N ILE A 21 -35.74 -23.31 -4.58
CA ILE A 21 -35.79 -21.85 -4.43
C ILE A 21 -36.83 -21.23 -5.37
N ALA A 22 -36.96 -21.79 -6.56
CA ALA A 22 -37.97 -21.36 -7.53
C ALA A 22 -39.40 -21.47 -6.98
N ASP A 23 -39.65 -22.54 -6.21
CA ASP A 23 -40.97 -22.79 -5.63
C ASP A 23 -41.27 -21.85 -4.45
N ALA A 24 -40.23 -21.50 -3.70
CA ALA A 24 -40.36 -20.52 -2.62
C ALA A 24 -40.66 -19.12 -3.16
N ILE A 25 -39.95 -18.74 -4.21
CA ILE A 25 -40.18 -17.46 -4.89
C ILE A 25 -41.61 -17.41 -5.41
N ALA A 26 -42.04 -18.53 -6.00
CA ALA A 26 -43.39 -18.67 -6.56
C ALA A 26 -44.48 -18.38 -5.53
N SER A 27 -44.23 -18.74 -4.27
CA SER A 27 -45.20 -18.55 -3.19
C SER A 27 -45.41 -17.09 -2.77
N ALA A 28 -44.51 -16.21 -3.23
CA ALA A 28 -44.58 -14.78 -2.90
C ALA A 28 -45.83 -14.13 -3.47
N PRO A 29 -46.50 -13.29 -2.66
CA PRO A 29 -47.66 -12.58 -3.19
C PRO A 29 -47.26 -11.59 -4.29
N ALA A 30 -48.13 -11.42 -5.27
CA ALA A 30 -47.85 -10.52 -6.40
C ALA A 30 -47.67 -9.06 -5.94
N GLY A 31 -46.85 -8.31 -6.66
CA GLY A 31 -46.56 -6.92 -6.32
C GLY A 31 -45.16 -6.70 -5.77
N SER A 32 -45.03 -5.69 -4.90
CA SER A 32 -43.73 -5.18 -4.49
C SER A 32 -43.53 -5.05 -2.98
N THR A 33 -44.30 -5.79 -2.20
CA THR A 33 -44.07 -5.90 -0.76
C THR A 33 -42.79 -6.71 -0.54
N PRO A 34 -42.05 -6.44 0.56
CA PRO A 34 -40.84 -7.22 0.79
C PRO A 34 -41.10 -8.71 1.03
N PHE A 35 -40.36 -9.56 0.33
CA PHE A 35 -40.46 -11.01 0.50
C PHE A 35 -39.08 -11.59 0.75
N VAL A 36 -38.93 -12.25 1.90
CA VAL A 36 -37.64 -12.74 2.38
C VAL A 36 -37.66 -14.27 2.46
N ILE A 37 -36.72 -14.90 1.75
CA ILE A 37 -36.64 -16.35 1.72
C ILE A 37 -35.35 -16.83 2.38
N LEU A 38 -35.50 -17.71 3.37
CA LEU A 38 -34.35 -18.41 3.94
C LEU A 38 -34.04 -19.65 3.11
N ILE A 39 -32.78 -19.79 2.70
CA ILE A 39 -32.33 -20.94 1.95
C ILE A 39 -31.37 -21.74 2.83
N LYS A 40 -31.82 -22.90 3.29
CA LYS A 40 -30.99 -23.73 4.15
C LYS A 40 -29.84 -24.36 3.37
N ASN A 41 -28.76 -24.67 4.08
CA ASN A 41 -27.58 -25.34 3.53
C ASN A 41 -27.93 -26.45 2.55
N GLY A 42 -27.24 -26.45 1.41
CA GLY A 42 -27.46 -27.43 0.35
C GLY A 42 -27.07 -26.85 -0.98
N VAL A 43 -26.88 -27.72 -1.96
CA VAL A 43 -26.55 -27.28 -3.31
C VAL A 43 -27.80 -27.34 -4.17
N TYR A 44 -28.26 -26.17 -4.58
CA TYR A 44 -29.49 -26.06 -5.37
C TYR A 44 -29.15 -25.84 -6.83
N ASN A 45 -29.41 -26.88 -7.63
CA ASN A 45 -29.14 -26.85 -9.06
C ASN A 45 -30.27 -26.18 -9.83
N GLU A 46 -30.27 -24.85 -9.79
CA GLU A 46 -31.34 -24.05 -10.39
C GLU A 46 -30.75 -22.87 -11.14
N ARG A 47 -31.41 -22.48 -12.22
CA ARG A 47 -31.18 -21.21 -12.86
C ARG A 47 -32.37 -20.30 -12.57
N LEU A 48 -32.10 -19.05 -12.21
CA LEU A 48 -33.17 -18.11 -11.81
C LEU A 48 -33.11 -16.79 -12.55
N THR A 49 -34.28 -16.29 -12.95
CA THR A 49 -34.40 -14.91 -13.47
C THR A 49 -35.39 -14.14 -12.59
N ILE A 50 -34.86 -13.22 -11.80
CA ILE A 50 -35.66 -12.48 -10.81
C ILE A 50 -36.40 -11.35 -11.50
N THR A 51 -37.73 -11.36 -11.41
CA THR A 51 -38.57 -10.35 -12.06
C THR A 51 -39.45 -9.62 -11.04
N ARG A 52 -39.51 -10.16 -9.82
CA ARG A 52 -40.25 -9.52 -8.73
C ARG A 52 -39.36 -8.51 -7.99
N ASN A 53 -39.84 -7.27 -7.90
CA ASN A 53 -39.17 -6.22 -7.12
C ASN A 53 -39.22 -6.56 -5.64
N ASN A 54 -38.25 -6.07 -4.87
CA ASN A 54 -38.24 -6.17 -3.41
C ASN A 54 -38.14 -7.63 -2.90
N LEU A 55 -37.40 -8.45 -3.64
CA LEU A 55 -37.17 -9.86 -3.27
C LEU A 55 -35.81 -10.01 -2.57
N HIS A 56 -35.77 -10.84 -1.53
CA HIS A 56 -34.58 -10.98 -0.67
C HIS A 56 -34.27 -12.42 -0.30
N LEU A 57 -33.08 -12.88 -0.67
CA LEU A 57 -32.65 -14.23 -0.37
C LEU A 57 -31.59 -14.19 0.71
N LYS A 58 -31.70 -15.12 1.64
CA LYS A 58 -30.74 -15.24 2.71
C LYS A 58 -30.38 -16.71 2.87
N GLY A 59 -29.12 -17.05 2.61
CA GLY A 59 -28.66 -18.41 2.82
C GLY A 59 -28.30 -18.65 4.26
N GLU A 60 -28.37 -19.92 4.69
CA GLU A 60 -27.97 -20.29 6.04
C GLU A 60 -26.50 -20.00 6.33
N SER A 61 -25.66 -20.16 5.32
CA SER A 61 -24.24 -19.81 5.40
C SER A 61 -23.70 -19.64 3.99
N ARG A 62 -22.73 -18.75 3.83
CA ARG A 62 -22.07 -18.57 2.55
C ARG A 62 -21.40 -19.86 2.06
N ASN A 63 -20.77 -20.59 2.99
CA ASN A 63 -20.07 -21.83 2.66
C ASN A 63 -21.02 -22.93 2.20
N GLY A 64 -22.20 -22.99 2.81
CA GLY A 64 -23.07 -24.16 2.70
C GLY A 64 -24.32 -24.00 1.87
N ALA A 65 -24.75 -22.76 1.65
CA ALA A 65 -25.94 -22.51 0.82
C ALA A 65 -25.54 -22.05 -0.57
N VAL A 66 -25.75 -22.93 -1.55
CA VAL A 66 -25.22 -22.74 -2.90
C VAL A 66 -26.29 -22.81 -3.98
N ILE A 67 -26.27 -21.85 -4.89
CA ILE A 67 -27.10 -21.87 -6.09
C ILE A 67 -26.19 -22.03 -7.30
N ALA A 68 -26.34 -23.15 -8.01
CA ALA A 68 -25.37 -23.56 -9.03
C ALA A 68 -26.00 -24.18 -10.28
N ALA A 69 -25.47 -23.77 -11.43
CA ALA A 69 -25.78 -24.40 -12.71
C ALA A 69 -24.58 -24.24 -13.66
N ALA A 70 -24.45 -25.15 -14.60
CA ALA A 70 -23.34 -25.10 -15.55
C ALA A 70 -23.85 -24.76 -16.94
N THR A 71 -23.51 -23.56 -17.41
CA THR A 71 -23.91 -23.08 -18.73
C THR A 71 -22.85 -22.12 -19.26
N ALA A 72 -22.29 -22.46 -20.42
CA ALA A 72 -21.39 -21.57 -21.13
C ALA A 72 -22.17 -20.86 -22.23
N ALA A 73 -21.63 -19.74 -22.70
CA ALA A 73 -22.19 -19.01 -23.83
C ALA A 73 -22.35 -19.91 -25.04
N GLY A 74 -21.41 -20.85 -25.20
CA GLY A 74 -21.44 -21.79 -26.34
C GLY A 74 -22.22 -23.07 -26.10
N THR A 75 -22.80 -23.23 -24.92
CA THR A 75 -23.71 -24.35 -24.64
C THR A 75 -24.94 -24.18 -25.53
N LEU A 76 -25.36 -25.27 -26.16
CA LEU A 76 -26.51 -25.25 -27.08
C LEU A 76 -27.82 -25.56 -26.36
N LYS A 77 -28.89 -24.86 -26.76
CA LYS A 77 -30.24 -25.15 -26.27
C LYS A 77 -30.89 -26.19 -27.18
N SER A 78 -32.18 -26.41 -26.98
CA SER A 78 -32.97 -27.38 -27.76
C SER A 78 -33.00 -27.04 -29.25
N ASP A 79 -33.28 -25.77 -29.58
CA ASP A 79 -33.29 -25.32 -30.96
C ASP A 79 -31.90 -25.30 -31.60
N GLY A 80 -30.89 -25.73 -30.84
CA GLY A 80 -29.51 -25.84 -31.32
C GLY A 80 -28.74 -24.53 -31.41
N SER A 81 -29.33 -23.45 -30.88
CA SER A 81 -28.67 -22.15 -30.85
C SER A 81 -27.94 -21.94 -29.52
N LYS A 82 -27.00 -21.00 -29.51
CA LYS A 82 -26.19 -20.71 -28.33
C LYS A 82 -26.95 -19.92 -27.27
N TRP A 83 -26.64 -20.17 -26.00
CA TRP A 83 -27.16 -19.33 -24.90
C TRP A 83 -26.63 -17.90 -25.00
N GLY A 84 -25.35 -17.76 -25.34
CA GLY A 84 -24.70 -16.45 -25.37
C GLY A 84 -24.28 -16.08 -23.96
N THR A 85 -23.47 -15.03 -23.85
CA THR A 85 -22.92 -14.57 -22.57
C THR A 85 -24.02 -14.20 -21.57
N ALA A 86 -24.85 -13.23 -21.90
CA ALA A 86 -26.00 -12.87 -21.06
C ALA A 86 -26.84 -14.10 -20.74
N GLY A 87 -27.16 -14.90 -21.76
CA GLY A 87 -27.96 -16.11 -21.57
C GLY A 87 -27.35 -17.23 -20.74
N SER A 88 -26.04 -17.18 -20.52
CA SER A 88 -25.32 -18.22 -19.77
C SER A 88 -25.51 -18.14 -18.25
N SER A 89 -26.02 -17.00 -17.77
CA SER A 89 -26.03 -16.71 -16.33
C SER A 89 -26.85 -17.68 -15.46
N THR A 90 -26.28 -18.08 -14.33
CA THR A 90 -26.98 -18.90 -13.36
C THR A 90 -28.13 -18.11 -12.73
N ILE A 91 -27.83 -16.89 -12.28
CA ILE A 91 -28.84 -15.99 -11.74
C ILE A 91 -28.84 -14.68 -12.50
N THR A 92 -30.03 -14.27 -12.94
CA THR A 92 -30.23 -13.02 -13.66
C THR A 92 -31.17 -12.10 -12.85
N ILE A 93 -30.72 -10.88 -12.57
CA ILE A 93 -31.53 -9.91 -11.81
C ILE A 93 -32.14 -8.87 -12.73
N SER A 94 -33.46 -8.97 -12.91
CA SER A 94 -34.22 -8.08 -13.78
C SER A 94 -35.36 -7.43 -13.01
N ALA A 95 -35.13 -7.19 -11.72
CA ALA A 95 -36.04 -6.43 -10.89
C ALA A 95 -35.25 -5.53 -9.93
N LYS A 96 -35.96 -4.64 -9.26
CA LYS A 96 -35.33 -3.67 -8.37
C LYS A 96 -35.31 -4.12 -6.92
N ASP A 97 -34.40 -3.53 -6.14
CA ASP A 97 -34.35 -3.76 -4.69
C ASP A 97 -34.19 -5.23 -4.29
N PHE A 98 -33.46 -5.97 -5.12
CA PHE A 98 -33.06 -7.33 -4.79
C PHE A 98 -31.91 -7.31 -3.80
N SER A 99 -31.93 -8.26 -2.87
CA SER A 99 -30.75 -8.54 -2.06
C SER A 99 -30.52 -10.04 -1.92
N ALA A 100 -29.25 -10.41 -1.80
CA ALA A 100 -28.86 -11.75 -1.43
C ALA A 100 -27.79 -11.65 -0.34
N GLN A 101 -27.93 -12.45 0.70
CA GLN A 101 -26.99 -12.48 1.81
C GLN A 101 -26.60 -13.91 2.16
N SER A 102 -25.34 -14.11 2.54
CA SER A 102 -24.84 -15.37 3.12
C SER A 102 -25.15 -16.60 2.26
N LEU A 103 -24.77 -16.52 0.99
CA LEU A 103 -24.95 -17.62 0.04
C LEU A 103 -23.94 -17.53 -1.11
N THR A 104 -23.83 -18.60 -1.88
CA THR A 104 -22.90 -18.70 -2.99
C THR A 104 -23.66 -18.87 -4.30
N ILE A 105 -23.24 -18.17 -5.35
CA ILE A 105 -23.81 -18.35 -6.69
C ILE A 105 -22.70 -18.79 -7.63
N ARG A 106 -22.85 -19.97 -8.25
CA ARG A 106 -21.83 -20.48 -9.16
C ARG A 106 -22.31 -20.67 -10.59
N ASN A 107 -21.39 -20.48 -11.52
CA ASN A 107 -21.49 -21.16 -12.79
C ASN A 107 -20.48 -22.31 -12.73
N ASP A 108 -21.00 -23.53 -12.88
CA ASP A 108 -20.20 -24.74 -12.77
C ASP A 108 -19.64 -25.22 -14.10
N PHE A 109 -19.74 -24.40 -15.14
CA PHE A 109 -19.07 -24.73 -16.40
C PHE A 109 -17.60 -25.01 -16.10
N ASP A 110 -17.14 -26.18 -16.52
CA ASP A 110 -15.79 -26.61 -16.17
C ASP A 110 -14.82 -26.13 -17.23
N PHE A 111 -14.47 -24.85 -17.12
CA PHE A 111 -13.57 -24.22 -18.07
C PHE A 111 -12.24 -24.98 -18.27
N PRO A 112 -11.54 -25.36 -17.17
CA PRO A 112 -10.27 -26.05 -17.38
C PRO A 112 -10.44 -27.39 -18.12
N ALA A 113 -11.45 -28.17 -17.72
CA ALA A 113 -11.73 -29.43 -18.42
C ALA A 113 -12.03 -29.19 -19.90
N ASN A 114 -12.84 -28.16 -20.20
CA ASN A 114 -13.10 -27.76 -21.58
C ASN A 114 -11.81 -27.47 -22.35
N GLN A 115 -10.94 -26.66 -21.75
CA GLN A 115 -9.67 -26.28 -22.38
C GLN A 115 -8.72 -27.47 -22.59
N ALA A 116 -8.78 -28.43 -21.68
CA ALA A 116 -7.95 -29.64 -21.77
C ALA A 116 -8.38 -30.58 -22.91
N LYS A 117 -9.59 -30.39 -23.44
CA LYS A 117 -10.09 -31.24 -24.52
C LYS A 117 -9.26 -31.08 -25.79
N SER A 118 -9.16 -32.16 -26.57
CA SER A 118 -8.48 -32.12 -27.86
C SER A 118 -9.16 -31.15 -28.81
N ASP A 119 -8.38 -30.46 -29.63
CA ASP A 119 -8.92 -29.47 -30.56
C ASP A 119 -9.95 -30.06 -31.53
N SER A 120 -9.80 -31.34 -31.85
CA SER A 120 -10.74 -32.03 -32.73
C SER A 120 -12.01 -32.52 -32.01
N ASP A 121 -12.04 -32.41 -30.68
CA ASP A 121 -13.21 -32.82 -29.88
C ASP A 121 -14.37 -31.85 -30.15
N SER A 122 -15.44 -32.38 -30.74
CA SER A 122 -16.59 -31.57 -31.15
C SER A 122 -17.36 -30.94 -29.99
N SER A 123 -17.19 -31.50 -28.78
CA SER A 123 -17.83 -30.99 -27.57
C SER A 123 -17.03 -29.87 -26.88
N LYS A 124 -15.84 -29.59 -27.37
CA LYS A 124 -15.01 -28.49 -26.85
C LYS A 124 -15.60 -27.15 -27.26
N ILE A 125 -16.04 -26.39 -26.27
CA ILE A 125 -16.69 -25.09 -26.51
C ILE A 125 -15.67 -23.98 -26.73
N LYS A 126 -15.89 -23.17 -27.77
CA LYS A 126 -15.08 -21.98 -28.02
C LYS A 126 -15.57 -20.79 -27.21
N ASP A 127 -16.88 -20.56 -27.21
CA ASP A 127 -17.48 -19.44 -26.45
C ASP A 127 -17.54 -19.81 -24.97
N THR A 128 -16.43 -19.54 -24.28
CA THR A 128 -16.21 -20.04 -22.93
C THR A 128 -16.69 -19.12 -21.81
N GLN A 129 -17.28 -17.98 -22.14
CA GLN A 129 -17.84 -17.16 -21.05
C GLN A 129 -18.98 -17.93 -20.38
N ALA A 130 -19.02 -17.88 -19.05
CA ALA A 130 -20.04 -18.59 -18.28
C ALA A 130 -20.35 -17.81 -17.02
N VAL A 131 -21.43 -17.03 -17.08
CA VAL A 131 -21.76 -16.04 -16.06
C VAL A 131 -22.44 -16.67 -14.85
N ALA A 132 -21.95 -16.35 -13.65
CA ALA A 132 -22.58 -16.77 -12.42
C ALA A 132 -23.75 -15.85 -12.11
N LEU A 133 -23.48 -14.55 -12.10
CA LEU A 133 -24.49 -13.56 -11.76
C LEU A 133 -24.51 -12.44 -12.77
N TYR A 134 -25.71 -12.09 -13.21
CA TYR A 134 -25.95 -11.04 -14.17
C TYR A 134 -26.97 -10.08 -13.58
N VAL A 135 -26.52 -8.88 -13.24
CA VAL A 135 -27.45 -7.81 -12.85
C VAL A 135 -27.73 -6.98 -14.09
N THR A 136 -28.99 -6.97 -14.52
CA THR A 136 -29.39 -6.30 -15.76
C THR A 136 -29.78 -4.83 -15.54
N LYS A 137 -30.02 -4.13 -16.64
CA LYS A 137 -30.52 -2.75 -16.63
C LYS A 137 -31.86 -2.57 -15.91
N SER A 138 -32.57 -3.68 -15.70
CA SER A 138 -33.82 -3.66 -14.96
C SER A 138 -33.62 -3.99 -13.48
N GLY A 139 -32.36 -4.10 -13.06
CA GLY A 139 -32.05 -4.58 -11.71
C GLY A 139 -31.41 -3.59 -10.75
N ASP A 140 -31.77 -2.31 -10.89
CA ASP A 140 -31.20 -1.21 -10.10
C ASP A 140 -31.37 -1.47 -8.60
N ARG A 141 -30.37 -1.04 -7.83
CA ARG A 141 -30.38 -1.19 -6.37
C ARG A 141 -30.35 -2.66 -5.94
N ALA A 142 -29.35 -3.38 -6.45
CA ALA A 142 -29.15 -4.79 -6.13
C ALA A 142 -27.98 -4.91 -5.14
N TYR A 143 -28.24 -5.59 -4.02
CA TYR A 143 -27.32 -5.63 -2.86
C TYR A 143 -26.93 -7.07 -2.49
N PHE A 144 -25.63 -7.31 -2.42
CA PHE A 144 -25.10 -8.65 -2.16
C PHE A 144 -24.15 -8.58 -0.96
N LYS A 145 -24.56 -9.14 0.18
CA LYS A 145 -23.74 -9.09 1.40
C LYS A 145 -23.30 -10.48 1.80
N ASP A 146 -22.00 -10.66 2.01
CA ASP A 146 -21.45 -11.98 2.37
C ASP A 146 -21.86 -13.00 1.32
N VAL A 147 -21.62 -12.65 0.05
CA VAL A 147 -22.00 -13.53 -1.03
C VAL A 147 -20.74 -13.92 -1.78
N SER A 148 -20.73 -15.16 -2.24
CA SER A 148 -19.61 -15.68 -3.03
C SER A 148 -20.06 -15.90 -4.47
N LEU A 149 -19.29 -15.37 -5.41
CA LEU A 149 -19.59 -15.58 -6.83
C LEU A 149 -18.47 -16.38 -7.47
N VAL A 150 -18.81 -17.54 -8.01
CA VAL A 150 -17.84 -18.47 -8.59
C VAL A 150 -17.95 -18.65 -10.10
N GLY A 151 -16.83 -18.52 -10.79
CA GLY A 151 -16.76 -18.82 -12.22
C GLY A 151 -15.34 -18.72 -12.73
N TYR A 152 -15.18 -18.77 -14.04
CA TYR A 152 -13.89 -18.51 -14.65
C TYR A 152 -13.98 -17.26 -15.51
N GLN A 153 -14.35 -17.41 -16.79
CA GLN A 153 -14.51 -16.28 -17.68
C GLN A 153 -15.87 -15.64 -17.43
N ASP A 154 -15.87 -14.31 -17.21
CA ASP A 154 -17.10 -13.50 -17.13
C ASP A 154 -17.99 -13.84 -15.95
N THR A 155 -17.37 -14.08 -14.80
CA THR A 155 -18.13 -14.47 -13.62
C THR A 155 -19.29 -13.52 -13.30
N LEU A 156 -18.99 -12.23 -13.18
CA LEU A 156 -20.00 -11.25 -12.81
C LEU A 156 -20.23 -10.19 -13.89
N TYR A 157 -21.47 -10.11 -14.33
CA TYR A 157 -21.90 -9.22 -15.41
C TYR A 157 -22.78 -8.16 -14.77
N VAL A 158 -22.29 -6.92 -14.73
CA VAL A 158 -23.03 -5.84 -14.08
C VAL A 158 -23.39 -4.75 -15.08
N SER A 159 -24.69 -4.59 -15.32
CA SER A 159 -25.19 -3.70 -16.37
C SER A 159 -26.30 -2.77 -15.88
N GLY A 160 -26.22 -1.53 -16.33
CA GLY A 160 -27.29 -0.58 -16.12
C GLY A 160 -27.14 0.22 -14.84
N GLY A 161 -27.85 -0.21 -13.81
CA GLY A 161 -28.02 0.56 -12.60
C GLY A 161 -26.93 0.35 -11.58
N ARG A 162 -27.32 0.52 -10.32
CA ARG A 162 -26.37 0.45 -9.22
C ARG A 162 -26.47 -0.88 -8.52
N SER A 163 -25.30 -1.42 -8.18
CA SER A 163 -25.20 -2.62 -7.37
C SER A 163 -24.10 -2.41 -6.33
N PHE A 164 -24.26 -3.07 -5.19
CA PHE A 164 -23.30 -3.00 -4.09
C PHE A 164 -22.98 -4.41 -3.60
N PHE A 165 -21.68 -4.72 -3.56
CA PHE A 165 -21.19 -6.02 -3.07
C PHE A 165 -20.33 -5.80 -1.82
N SER A 166 -20.72 -6.44 -0.72
CA SER A 166 -20.11 -6.19 0.59
C SER A 166 -19.66 -7.51 1.22
N ASP A 167 -18.45 -7.55 1.76
CA ASP A 167 -17.90 -8.73 2.45
C ASP A 167 -17.99 -9.95 1.53
N CYS A 168 -17.61 -9.75 0.27
CA CYS A 168 -17.89 -10.73 -0.76
C CYS A 168 -16.64 -11.46 -1.24
N ARG A 169 -16.86 -12.58 -1.93
CA ARG A 169 -15.80 -13.30 -2.62
C ARG A 169 -16.24 -13.41 -4.09
N ILE A 170 -15.33 -13.05 -5.00
CA ILE A 170 -15.62 -13.20 -6.41
C ILE A 170 -14.38 -13.80 -7.05
N SER A 171 -14.57 -14.89 -7.79
CA SER A 171 -13.43 -15.58 -8.39
C SER A 171 -13.61 -15.69 -9.89
N GLY A 172 -12.49 -15.77 -10.59
CA GLY A 172 -12.52 -15.87 -12.04
C GLY A 172 -11.17 -15.74 -12.70
N THR A 173 -11.21 -15.72 -14.02
CA THR A 173 -10.03 -15.62 -14.84
C THR A 173 -10.13 -14.37 -15.70
N VAL A 174 -10.81 -14.48 -16.83
CA VAL A 174 -10.85 -13.43 -17.84
C VAL A 174 -12.11 -12.57 -17.71
N ASP A 175 -11.88 -11.27 -17.49
CA ASP A 175 -12.95 -10.26 -17.40
C ASP A 175 -14.02 -10.67 -16.38
N PHE A 176 -13.61 -11.08 -15.19
CA PHE A 176 -14.56 -11.71 -14.26
C PHE A 176 -15.49 -10.74 -13.55
N ILE A 177 -15.20 -9.45 -13.65
CA ILE A 177 -16.16 -8.39 -13.33
C ILE A 177 -16.22 -7.51 -14.56
N PHE A 178 -17.37 -7.48 -15.20
CA PHE A 178 -17.49 -6.79 -16.48
C PHE A 178 -18.87 -6.18 -16.68
N GLY A 179 -18.92 -5.15 -17.52
CA GLY A 179 -20.18 -4.47 -17.80
C GLY A 179 -20.17 -2.98 -17.59
N ASP A 180 -21.33 -2.36 -17.77
CA ASP A 180 -21.42 -0.90 -17.81
C ASP A 180 -22.11 -0.30 -16.58
N GLY A 181 -22.49 -1.18 -15.65
CA GLY A 181 -23.18 -0.76 -14.43
C GLY A 181 -22.32 0.05 -13.47
N THR A 182 -22.99 0.66 -12.49
CA THR A 182 -22.30 1.23 -11.34
C THR A 182 -22.27 0.14 -10.29
N ALA A 183 -21.08 -0.41 -10.06
CA ALA A 183 -20.95 -1.52 -9.13
C ALA A 183 -19.87 -1.18 -8.14
N LEU A 184 -20.26 -1.12 -6.87
CA LEU A 184 -19.35 -0.82 -5.77
C LEU A 184 -19.04 -2.10 -5.00
N PHE A 185 -17.76 -2.36 -4.73
CA PHE A 185 -17.32 -3.56 -4.02
C PHE A 185 -16.55 -3.14 -2.79
N ASN A 186 -17.05 -3.47 -1.61
CA ASN A 186 -16.32 -3.14 -0.39
C ASN A 186 -15.99 -4.37 0.46
N ASN A 187 -14.75 -4.43 0.93
CA ASN A 187 -14.27 -5.54 1.75
C ASN A 187 -14.47 -6.89 1.07
N CYS A 188 -14.15 -6.94 -0.23
CA CYS A 188 -14.26 -8.19 -0.98
C CYS A 188 -12.91 -8.85 -1.22
N ASP A 189 -12.92 -10.18 -1.33
CA ASP A 189 -11.81 -10.94 -1.88
C ASP A 189 -12.08 -11.19 -3.36
N LEU A 190 -11.20 -10.65 -4.21
CA LEU A 190 -11.26 -10.87 -5.65
C LEU A 190 -10.14 -11.84 -6.02
N VAL A 191 -10.55 -13.03 -6.43
CA VAL A 191 -9.66 -14.18 -6.46
C VAL A 191 -9.34 -14.55 -7.90
N SER A 192 -8.08 -14.34 -8.29
CA SER A 192 -7.61 -14.67 -9.64
C SER A 192 -7.23 -16.15 -9.69
N ARG A 193 -7.81 -16.87 -10.65
CA ARG A 193 -7.69 -18.33 -10.64
C ARG A 193 -6.55 -18.86 -11.52
N TYR A 194 -6.04 -20.04 -11.16
CA TYR A 194 -4.98 -20.69 -11.93
C TYR A 194 -5.46 -21.10 -13.33
N ARG A 195 -4.60 -20.89 -14.33
CA ARG A 195 -4.89 -21.36 -15.69
C ARG A 195 -3.88 -22.35 -16.27
N ALA A 196 -4.29 -23.61 -16.29
CA ALA A 196 -3.47 -24.71 -16.79
C ALA A 196 -3.20 -24.56 -18.29
N ASP A 197 -4.08 -23.86 -18.99
CA ASP A 197 -4.01 -23.77 -20.45
C ASP A 197 -3.15 -22.59 -20.96
N VAL A 198 -2.64 -21.77 -20.04
CA VAL A 198 -1.89 -20.58 -20.42
C VAL A 198 -0.39 -20.79 -20.22
N LYS A 199 0.39 -20.59 -21.30
CA LYS A 199 1.84 -20.80 -21.26
C LYS A 199 2.53 -19.81 -20.33
N SER A 200 3.64 -20.25 -19.75
CA SER A 200 4.50 -19.37 -18.96
C SER A 200 4.82 -18.10 -19.75
N GLY A 201 4.64 -16.95 -19.12
CA GLY A 201 4.90 -15.67 -19.77
C GLY A 201 3.71 -15.00 -20.43
N ASN A 202 2.60 -15.73 -20.59
CA ASN A 202 1.37 -15.18 -21.15
C ASN A 202 0.36 -14.77 -20.06
N VAL A 203 -0.61 -13.95 -20.46
CA VAL A 203 -1.59 -13.40 -19.53
C VAL A 203 -2.66 -14.43 -19.18
N SER A 204 -2.87 -14.63 -17.89
CA SER A 204 -3.92 -15.54 -17.40
C SER A 204 -5.30 -14.91 -17.32
N GLY A 205 -5.38 -13.61 -17.07
CA GLY A 205 -6.69 -12.98 -17.02
C GLY A 205 -6.71 -11.52 -16.68
N TYR A 206 -7.93 -11.04 -16.45
CA TYR A 206 -8.19 -9.62 -16.14
C TYR A 206 -9.32 -9.58 -15.13
N LEU A 207 -9.09 -8.87 -14.02
CA LEU A 207 -10.10 -8.72 -13.00
C LEU A 207 -11.36 -8.03 -13.53
N THR A 208 -11.17 -6.94 -14.27
CA THR A 208 -12.32 -6.18 -14.73
C THR A 208 -12.27 -5.89 -16.23
N ALA A 209 -13.46 -5.79 -16.83
CA ALA A 209 -13.58 -5.29 -18.20
C ALA A 209 -14.78 -4.37 -18.20
N PRO A 210 -14.58 -3.10 -17.81
CA PRO A 210 -15.70 -2.19 -17.72
C PRO A 210 -16.07 -1.64 -19.09
N SER A 211 -17.36 -1.46 -19.30
CA SER A 211 -17.89 -0.88 -20.54
C SER A 211 -18.67 0.39 -20.23
N THR A 212 -18.32 1.02 -19.11
CA THR A 212 -19.00 2.22 -18.62
C THR A 212 -19.06 3.31 -19.69
N ASN A 213 -20.27 3.80 -19.98
CA ASN A 213 -20.42 4.92 -20.91
C ASN A 213 -19.70 6.15 -20.38
N ILE A 214 -19.04 6.87 -21.29
CA ILE A 214 -18.24 8.04 -20.95
C ILE A 214 -19.00 9.11 -20.15
N ASN A 215 -20.30 9.20 -20.37
CA ASN A 215 -21.14 10.21 -19.70
C ASN A 215 -21.70 9.73 -18.36
N GLN A 216 -21.36 8.49 -17.98
CA GLN A 216 -21.69 7.95 -16.67
C GLN A 216 -20.53 8.23 -15.70
N LYS A 217 -20.88 8.77 -14.54
CA LYS A 217 -19.89 9.22 -13.57
C LYS A 217 -19.12 8.06 -12.92
N TYR A 218 -19.84 6.99 -12.56
CA TYR A 218 -19.20 5.86 -11.88
C TYR A 218 -19.40 4.51 -12.58
N GLY A 219 -18.30 3.76 -12.70
CA GLY A 219 -18.35 2.40 -13.21
C GLY A 219 -18.08 1.37 -12.12
N LEU A 220 -16.95 0.68 -12.23
CA LEU A 220 -16.57 -0.34 -11.27
C LEU A 220 -15.68 0.28 -10.19
N VAL A 221 -16.19 0.33 -8.97
CA VAL A 221 -15.44 0.95 -7.88
C VAL A 221 -15.15 -0.08 -6.82
N ILE A 222 -13.86 -0.30 -6.53
CA ILE A 222 -13.42 -1.34 -5.62
C ILE A 222 -12.72 -0.73 -4.40
N THR A 223 -13.28 -0.92 -3.22
CA THR A 223 -12.77 -0.26 -1.99
C THR A 223 -12.46 -1.25 -0.86
N ASN A 224 -11.38 -0.99 -0.12
CA ASN A 224 -11.04 -1.75 1.09
C ASN A 224 -11.07 -3.26 0.86
N SER A 225 -10.57 -3.67 -0.30
CA SER A 225 -10.65 -5.06 -0.73
C SER A 225 -9.28 -5.73 -0.84
N ARG A 226 -9.31 -6.98 -1.29
CA ARG A 226 -8.11 -7.79 -1.37
C ARG A 226 -8.13 -8.51 -2.70
N VAL A 227 -7.13 -8.17 -3.52
CA VAL A 227 -6.93 -8.77 -4.83
C VAL A 227 -5.88 -9.86 -4.61
N ILE A 228 -6.34 -11.11 -4.66
CA ILE A 228 -5.52 -12.26 -4.26
C ILE A 228 -5.46 -13.34 -5.34
N ARG A 229 -4.43 -14.19 -5.26
CA ARG A 229 -4.37 -15.36 -6.12
C ARG A 229 -4.99 -16.57 -5.43
N GLU A 230 -5.61 -17.42 -6.25
CA GLU A 230 -6.26 -18.64 -5.80
C GLU A 230 -5.25 -19.63 -5.20
N SER A 231 -4.04 -19.65 -5.78
CA SER A 231 -2.98 -20.58 -5.37
C SER A 231 -1.61 -19.99 -5.67
N ASP A 232 -0.57 -20.59 -5.09
CA ASP A 232 0.82 -20.26 -5.38
C ASP A 232 1.23 -20.49 -6.84
N SER A 233 0.46 -21.31 -7.55
CA SER A 233 0.73 -21.63 -8.96
C SER A 233 0.28 -20.52 -9.91
N VAL A 234 -0.49 -19.56 -9.41
CA VAL A 234 -0.82 -18.37 -10.18
C VAL A 234 0.45 -17.53 -10.27
N PRO A 235 1.02 -17.41 -11.48
CA PRO A 235 2.31 -16.72 -11.65
C PRO A 235 2.30 -15.22 -11.33
N ALA A 236 3.46 -14.71 -10.94
CA ALA A 236 3.66 -13.27 -10.80
C ALA A 236 3.38 -12.61 -12.16
N LYS A 237 2.79 -11.42 -12.11
CA LYS A 237 2.55 -10.59 -13.29
C LYS A 237 1.79 -11.35 -14.39
N SER A 238 0.70 -12.01 -14.00
CA SER A 238 -0.11 -12.80 -14.91
C SER A 238 -1.53 -12.25 -15.09
N TYR A 239 -1.90 -11.29 -14.25
CA TYR A 239 -3.25 -10.73 -14.25
C TYR A 239 -3.30 -9.21 -14.38
N GLY A 240 -4.17 -8.74 -15.26
CA GLY A 240 -4.43 -7.30 -15.40
C GLY A 240 -5.53 -6.85 -14.45
N LEU A 241 -5.46 -5.61 -14.01
CA LEU A 241 -6.50 -5.03 -13.14
C LEU A 241 -7.77 -4.77 -13.91
N GLY A 242 -7.60 -4.49 -15.19
CA GLY A 242 -8.71 -4.24 -16.09
C GLY A 242 -8.23 -4.04 -17.51
N ARG A 243 -9.14 -4.26 -18.45
CA ARG A 243 -8.95 -3.87 -19.86
C ARG A 243 -10.27 -3.27 -20.36
N PRO A 244 -10.21 -2.36 -21.36
CA PRO A 244 -11.40 -1.59 -21.73
C PRO A 244 -12.34 -2.33 -22.69
N TRP A 245 -13.46 -2.81 -22.16
CA TRP A 245 -14.47 -3.48 -22.99
C TRP A 245 -15.36 -2.48 -23.71
N HIS A 246 -15.25 -2.45 -25.04
CA HIS A 246 -16.15 -1.64 -25.87
C HIS A 246 -17.11 -2.59 -26.60
N PRO A 247 -18.30 -2.86 -26.01
CA PRO A 247 -19.13 -3.94 -26.52
C PRO A 247 -19.60 -3.68 -27.95
N THR A 248 -19.68 -4.78 -28.70
CA THR A 248 -20.34 -4.79 -30.00
C THR A 248 -21.77 -4.29 -29.81
N THR A 249 -22.08 -3.21 -30.53
CA THR A 249 -23.34 -2.48 -30.34
C THR A 249 -23.87 -2.10 -31.72
N THR A 250 -25.19 -2.07 -31.86
CA THR A 250 -25.83 -1.69 -33.12
C THR A 250 -26.13 -0.19 -33.14
N PHE A 251 -25.56 0.48 -34.13
CA PHE A 251 -25.75 1.90 -34.38
C PHE A 251 -26.43 2.11 -35.73
N SER A 252 -26.78 3.36 -36.04
CA SER A 252 -27.36 3.69 -37.35
C SER A 252 -26.42 3.38 -38.52
N ASP A 253 -25.10 3.45 -38.28
CA ASP A 253 -24.11 3.16 -39.33
C ASP A 253 -23.46 1.78 -39.23
N GLY A 254 -24.14 0.84 -38.57
CA GLY A 254 -23.63 -0.54 -38.48
C GLY A 254 -23.47 -1.06 -37.06
N ARG A 255 -22.96 -2.29 -36.95
CA ARG A 255 -22.80 -2.97 -35.66
C ARG A 255 -21.33 -3.26 -35.35
N TYR A 256 -20.81 -2.62 -34.30
CA TYR A 256 -19.37 -2.61 -34.02
C TYR A 256 -19.08 -2.16 -32.58
N ALA A 257 -17.81 -2.25 -32.18
CA ALA A 257 -17.38 -1.85 -30.83
C ALA A 257 -17.73 -0.40 -30.48
N ASP A 258 -18.50 -0.23 -29.39
CA ASP A 258 -18.99 1.08 -28.96
C ASP A 258 -17.84 2.05 -28.63
N PRO A 259 -17.67 3.14 -29.43
CA PRO A 259 -16.57 4.08 -29.16
C PRO A 259 -16.69 4.79 -27.82
N ASN A 260 -17.92 4.93 -27.33
CA ASN A 260 -18.22 5.72 -26.14
C ASN A 260 -18.28 4.92 -24.84
N ALA A 261 -18.05 3.61 -24.95
CA ALA A 261 -17.98 2.74 -23.79
C ALA A 261 -16.54 2.78 -23.26
N ILE A 262 -16.22 3.90 -22.59
CA ILE A 262 -14.87 4.17 -22.11
C ILE A 262 -14.88 3.88 -20.61
N GLY A 263 -14.58 2.62 -20.30
CA GLY A 263 -14.87 2.04 -18.99
C GLY A 263 -14.09 2.67 -17.84
N GLN A 264 -14.68 2.60 -16.66
CA GLN A 264 -14.04 3.04 -15.43
C GLN A 264 -13.85 1.88 -14.49
N THR A 265 -12.62 1.72 -14.01
CA THR A 265 -12.31 0.83 -12.87
C THR A 265 -11.41 1.60 -11.91
N VAL A 266 -11.89 1.79 -10.68
CA VAL A 266 -11.10 2.48 -9.65
C VAL A 266 -10.91 1.57 -8.42
N PHE A 267 -9.65 1.37 -8.04
CA PHE A 267 -9.30 0.66 -6.80
C PHE A 267 -8.87 1.67 -5.73
N LEU A 268 -9.53 1.63 -4.58
CA LEU A 268 -9.11 2.45 -3.41
C LEU A 268 -8.77 1.58 -2.20
N ASN A 269 -7.64 1.89 -1.55
CA ASN A 269 -7.22 1.21 -0.31
C ASN A 269 -7.35 -0.31 -0.39
N THR A 270 -6.90 -0.87 -1.51
CA THR A 270 -7.05 -2.29 -1.80
C THR A 270 -5.67 -2.97 -1.87
N SER A 271 -5.54 -4.13 -1.22
CA SER A 271 -4.32 -4.91 -1.30
C SER A 271 -4.26 -5.70 -2.61
N MET A 272 -3.06 -5.87 -3.14
CA MET A 272 -2.85 -6.60 -4.38
C MET A 272 -1.60 -7.47 -4.25
N ASP A 273 -1.75 -8.77 -4.49
CA ASP A 273 -0.59 -9.65 -4.57
C ASP A 273 0.15 -9.48 -5.91
N ASN A 274 1.33 -10.07 -6.03
CA ASN A 274 2.17 -9.79 -7.20
C ASN A 274 1.79 -10.51 -8.50
N HIS A 275 0.67 -11.23 -8.49
CA HIS A 275 0.08 -11.73 -9.74
C HIS A 275 -0.36 -10.56 -10.64
N ILE A 276 -0.57 -9.40 -10.03
CA ILE A 276 -1.00 -8.19 -10.75
C ILE A 276 0.19 -7.51 -11.44
N TYR A 277 0.05 -7.22 -12.73
CA TYR A 277 1.08 -6.48 -13.48
C TYR A 277 0.68 -5.04 -13.80
N GLY A 278 -0.61 -4.73 -13.75
CA GLY A 278 -1.10 -3.41 -14.11
C GLY A 278 -2.33 -3.48 -14.97
N TRP A 279 -2.52 -2.48 -15.83
CA TRP A 279 -3.67 -2.43 -16.70
C TRP A 279 -3.30 -2.99 -18.07
N ASP A 280 -4.31 -3.17 -18.94
CA ASP A 280 -4.05 -3.70 -20.27
C ASP A 280 -5.03 -3.12 -21.31
N LYS A 281 -4.74 -3.40 -22.58
CA LYS A 281 -5.59 -3.00 -23.69
C LYS A 281 -6.53 -4.14 -24.08
N MET A 282 -7.50 -3.83 -24.94
CA MET A 282 -8.43 -4.82 -25.43
C MET A 282 -8.83 -4.44 -26.84
N SER A 283 -9.03 -5.44 -27.69
CA SER A 283 -9.36 -5.20 -29.09
C SER A 283 -10.83 -5.46 -29.39
N GLY A 284 -11.33 -4.78 -30.41
CA GLY A 284 -12.66 -5.02 -30.95
C GLY A 284 -12.63 -4.81 -32.45
N LYS A 285 -13.82 -4.69 -33.05
CA LYS A 285 -13.95 -4.43 -34.47
C LYS A 285 -14.62 -3.07 -34.67
N ASP A 286 -14.00 -2.20 -35.46
CA ASP A 286 -14.56 -0.88 -35.68
C ASP A 286 -15.67 -0.86 -36.75
N LYS A 287 -16.12 0.34 -37.12
CA LYS A 287 -17.25 0.52 -38.05
C LYS A 287 -16.95 0.01 -39.47
N ASN A 288 -15.67 -0.21 -39.76
CA ASN A 288 -15.22 -0.67 -41.08
C ASN A 288 -14.92 -2.16 -41.11
N GLY A 289 -14.97 -2.79 -39.95
CA GLY A 289 -14.70 -4.22 -39.83
C GLY A 289 -13.25 -4.51 -39.51
N ASN A 290 -12.47 -3.45 -39.26
CA ASN A 290 -11.05 -3.58 -38.91
C ASN A 290 -10.85 -3.80 -37.42
N THR A 291 -9.77 -4.47 -37.07
CA THR A 291 -9.30 -4.53 -35.69
C THR A 291 -9.03 -3.11 -35.18
N ILE A 292 -9.48 -2.84 -33.97
CA ILE A 292 -9.20 -1.59 -33.28
C ILE A 292 -8.84 -1.92 -31.82
N TRP A 293 -7.76 -1.31 -31.34
CA TRP A 293 -7.34 -1.51 -29.96
C TRP A 293 -7.78 -0.35 -29.09
N PHE A 294 -8.29 -0.69 -27.92
CA PHE A 294 -8.67 0.28 -26.90
C PHE A 294 -7.66 0.21 -25.77
N ASN A 295 -7.04 1.35 -25.49
CA ASN A 295 -5.88 1.40 -24.62
C ASN A 295 -6.23 1.84 -23.20
N PRO A 296 -5.51 1.28 -22.19
CA PRO A 296 -5.81 1.63 -20.79
C PRO A 296 -5.60 3.12 -20.46
N GLU A 297 -4.60 3.74 -21.10
CA GLU A 297 -4.30 5.15 -20.84
C GLU A 297 -5.44 6.07 -21.32
N ASP A 298 -6.25 5.56 -22.23
CA ASP A 298 -7.42 6.26 -22.76
C ASP A 298 -8.68 5.98 -21.97
N SER A 299 -8.58 5.08 -20.99
CA SER A 299 -9.73 4.65 -20.21
C SER A 299 -9.64 5.22 -18.80
N ARG A 300 -10.72 5.07 -18.04
CA ARG A 300 -10.78 5.64 -16.70
C ARG A 300 -10.30 4.61 -15.66
N PHE A 301 -8.99 4.34 -15.71
CA PHE A 301 -8.35 3.31 -14.86
C PHE A 301 -7.48 3.97 -13.79
N PHE A 302 -7.90 3.89 -12.53
CA PHE A 302 -7.18 4.59 -11.45
C PHE A 302 -7.05 3.76 -10.18
N GLU A 303 -6.04 4.12 -9.39
CA GLU A 303 -5.81 3.51 -8.09
C GLU A 303 -5.63 4.61 -7.04
N TYR A 304 -5.96 4.27 -5.81
CA TYR A 304 -5.67 5.14 -4.67
C TYR A 304 -5.17 4.31 -3.50
N LYS A 305 -3.91 4.53 -3.13
CA LYS A 305 -3.26 3.86 -2.01
C LYS A 305 -3.40 2.32 -2.02
N SER A 306 -3.09 1.71 -3.17
CA SER A 306 -3.00 0.26 -3.26
C SER A 306 -1.81 -0.19 -2.39
N TYR A 307 -1.85 -1.43 -1.94
CA TYR A 307 -0.71 -1.94 -1.18
C TYR A 307 -0.50 -3.43 -1.44
N GLY A 308 0.60 -3.97 -0.95
CA GLY A 308 0.96 -5.34 -1.26
C GLY A 308 1.83 -5.38 -2.50
N ALA A 309 2.37 -6.56 -2.77
CA ALA A 309 3.43 -6.72 -3.78
C ALA A 309 3.03 -6.30 -5.19
N GLY A 310 1.73 -6.38 -5.51
CA GLY A 310 1.22 -5.98 -6.83
C GLY A 310 0.89 -4.49 -6.97
N ALA A 311 1.25 -3.71 -5.97
CA ALA A 311 0.90 -2.29 -5.95
C ALA A 311 2.03 -1.37 -6.41
N THR A 312 2.39 -1.38 -7.65
CA THR A 312 3.33 -0.37 -8.13
C THR A 312 2.65 0.91 -8.51
N VAL A 313 3.42 1.99 -8.29
CA VAL A 313 3.05 3.30 -8.76
C VAL A 313 4.01 3.62 -9.89
N SER A 314 3.44 3.87 -11.05
CA SER A 314 4.21 4.24 -12.23
C SER A 314 3.33 5.11 -13.13
N LYS A 315 3.91 5.58 -14.22
CA LYS A 315 3.19 6.37 -15.21
C LYS A 315 2.02 5.59 -15.80
N ASP A 316 2.19 4.28 -15.92
CA ASP A 316 1.17 3.40 -16.49
C ASP A 316 0.11 3.01 -15.47
N ARG A 317 0.28 3.47 -14.24
CA ARG A 317 -0.69 3.23 -13.18
C ARG A 317 -1.04 4.53 -12.47
N ARG A 318 -2.00 5.23 -13.04
CA ARG A 318 -2.42 6.54 -12.57
C ARG A 318 -3.04 6.48 -11.17
N GLN A 319 -2.76 7.51 -10.39
CA GLN A 319 -3.16 7.55 -8.99
C GLN A 319 -4.07 8.75 -8.74
N LEU A 320 -5.09 8.54 -7.93
CA LEU A 320 -5.98 9.63 -7.51
C LEU A 320 -5.28 10.49 -6.46
N THR A 321 -5.60 11.78 -6.47
CA THR A 321 -5.23 12.65 -5.36
C THR A 321 -6.19 12.34 -4.20
N ASP A 322 -5.82 12.78 -3.00
CA ASP A 322 -6.72 12.67 -1.84
C ASP A 322 -8.10 13.27 -2.13
N ALA A 323 -8.11 14.44 -2.79
CA ALA A 323 -9.36 15.14 -3.14
C ALA A 323 -10.19 14.37 -4.16
N GLN A 324 -9.51 13.74 -5.12
CA GLN A 324 -10.18 12.86 -6.07
C GLN A 324 -10.74 11.60 -5.40
N ALA A 325 -10.01 11.06 -4.43
CA ALA A 325 -10.45 9.85 -3.72
C ALA A 325 -11.74 10.06 -2.92
N ALA A 326 -11.96 11.28 -2.43
CA ALA A 326 -13.16 11.62 -1.68
C ALA A 326 -14.43 11.54 -2.55
N GLU A 327 -14.23 11.51 -3.87
CA GLU A 327 -15.36 11.38 -4.80
C GLU A 327 -15.87 9.93 -4.89
N TYR A 328 -15.13 9.00 -4.29
CA TYR A 328 -15.46 7.57 -4.41
C TYR A 328 -15.96 6.94 -3.11
N THR A 329 -16.55 7.75 -2.25
CA THR A 329 -17.25 7.26 -1.06
C THR A 329 -18.51 6.51 -1.50
N GLN A 330 -18.99 5.61 -0.64
CA GLN A 330 -20.24 4.91 -0.90
C GLN A 330 -21.41 5.85 -1.22
N SER A 331 -21.54 6.94 -0.44
CA SER A 331 -22.60 7.92 -0.61
C SER A 331 -22.61 8.52 -2.02
N LYS A 332 -21.42 8.86 -2.52
CA LYS A 332 -21.27 9.47 -3.84
C LYS A 332 -21.48 8.48 -4.98
N VAL A 333 -20.90 7.28 -4.86
CA VAL A 333 -21.01 6.24 -5.89
C VAL A 333 -22.46 5.74 -6.03
N LEU A 334 -23.15 5.53 -4.91
CA LEU A 334 -24.51 4.98 -4.91
C LEU A 334 -25.65 6.01 -4.87
N GLY A 335 -25.28 7.28 -4.80
CA GLY A 335 -26.24 8.39 -4.80
C GLY A 335 -27.29 8.29 -3.71
N ASP A 336 -28.56 8.36 -4.12
CA ASP A 336 -29.70 8.38 -3.18
C ASP A 336 -30.13 7.00 -2.64
N TRP A 337 -29.33 5.97 -2.92
CA TRP A 337 -29.61 4.61 -2.48
C TRP A 337 -28.66 4.19 -1.37
N THR A 338 -29.23 3.87 -0.21
CA THR A 338 -28.49 3.28 0.89
C THR A 338 -28.85 1.81 0.99
N PRO A 339 -27.92 0.91 0.59
CA PRO A 339 -28.18 -0.52 0.66
C PRO A 339 -28.56 -0.96 2.06
N THR A 340 -29.70 -1.65 2.17
CA THR A 340 -30.19 -2.16 3.44
C THR A 340 -30.75 -3.57 3.26
N LEU A 341 -30.56 -4.40 4.27
CA LEU A 341 -31.13 -5.75 4.28
C LEU A 341 -32.44 -5.72 5.05
N PRO A 342 -33.39 -6.60 4.67
CA PRO A 342 -34.68 -6.64 5.37
C PRO A 342 -34.52 -7.04 6.83
N ALA B 1 7.78 39.20 11.96
CA ALA B 1 9.04 39.91 12.36
C ALA B 1 10.25 38.98 12.41
N THR B 2 10.39 38.14 11.38
CA THR B 2 11.46 37.13 11.31
C THR B 2 12.81 37.70 10.86
N THR B 3 13.43 38.50 11.73
CA THR B 3 14.73 39.13 11.47
C THR B 3 15.89 38.22 11.93
N TYR B 4 17.07 38.41 11.34
CA TYR B 4 18.22 37.57 11.65
C TYR B 4 19.30 38.30 12.45
N ASN B 5 19.80 37.62 13.48
CA ASN B 5 20.87 38.14 14.33
C ASN B 5 22.25 38.11 13.69
N ALA B 6 22.43 37.19 12.75
CA ALA B 6 23.68 37.05 12.00
C ALA B 6 23.39 36.45 10.63
N VAL B 7 24.19 36.85 9.63
CA VAL B 7 24.09 36.30 8.29
C VAL B 7 25.41 35.70 7.87
N VAL B 8 25.36 34.47 7.34
CA VAL B 8 26.53 33.79 6.79
C VAL B 8 26.40 33.74 5.28
N SER B 9 27.48 34.08 4.57
CA SER B 9 27.52 33.97 3.11
C SER B 9 28.94 33.76 2.59
N LYS B 10 29.02 33.31 1.34
CA LYS B 10 30.29 33.07 0.68
C LYS B 10 30.88 34.35 0.10
N SER B 11 30.01 35.30 -0.22
CA SER B 11 30.43 36.61 -0.72
C SER B 11 30.94 37.52 0.41
N SER B 12 32.10 38.12 0.20
CA SER B 12 32.61 39.17 1.08
C SER B 12 31.89 40.48 0.75
N SER B 13 31.50 40.61 -0.51
CA SER B 13 30.77 41.79 -1.01
C SER B 13 29.28 41.71 -0.69
N ASP B 14 28.94 41.00 0.38
CA ASP B 14 27.56 40.80 0.79
C ASP B 14 27.13 41.90 1.77
N GLY B 15 28.07 42.31 2.63
CA GLY B 15 27.81 43.33 3.65
C GLY B 15 28.55 42.96 4.92
N LYS B 16 27.80 42.94 6.03
CA LYS B 16 28.34 42.59 7.34
C LYS B 16 28.10 41.11 7.68
N THR B 17 28.46 40.24 6.74
CA THR B 17 28.22 38.80 6.86
C THR B 17 29.44 38.03 7.36
N PHE B 18 29.17 36.90 8.03
CA PHE B 18 30.23 36.00 8.49
C PHE B 18 30.59 35.01 7.38
N LYS B 19 31.89 34.70 7.28
CA LYS B 19 32.39 33.79 6.25
C LYS B 19 32.06 32.33 6.56
N THR B 20 32.11 31.98 7.85
CA THR B 20 31.79 30.63 8.31
C THR B 20 30.60 30.66 9.27
N ILE B 21 29.92 29.52 9.38
CA ILE B 21 28.81 29.34 10.34
C ILE B 21 29.33 29.38 11.78
N ALA B 22 30.51 28.81 12.00
CA ALA B 22 31.14 28.81 13.33
C ALA B 22 31.38 30.23 13.86
N ASP B 23 31.76 31.14 12.95
CA ASP B 23 32.01 32.54 13.30
C ASP B 23 30.72 33.31 13.61
N ALA B 24 29.65 32.97 12.89
CA ALA B 24 28.34 33.55 13.15
C ALA B 24 27.79 33.12 14.50
N ILE B 25 27.94 31.84 14.81
CA ILE B 25 27.52 31.28 16.11
C ILE B 25 28.32 31.95 17.24
N ALA B 26 29.62 32.13 16.99
CA ALA B 26 30.53 32.79 17.93
C ALA B 26 30.06 34.20 18.31
N SER B 27 29.46 34.91 17.35
CA SER B 27 28.98 36.27 17.58
C SER B 27 27.77 36.38 18.51
N ALA B 28 27.12 35.25 18.78
CA ALA B 28 25.94 35.20 19.65
C ALA B 28 26.28 35.62 21.07
N PRO B 29 25.41 36.44 21.69
CA PRO B 29 25.64 36.79 23.09
C PRO B 29 25.48 35.56 23.99
N ALA B 30 26.27 35.50 25.06
CA ALA B 30 26.21 34.38 26.01
C ALA B 30 24.84 34.25 26.68
N GLY B 31 24.48 33.01 27.01
CA GLY B 31 23.19 32.73 27.64
C GLY B 31 22.22 32.02 26.72
N SER B 32 20.93 32.29 26.92
CA SER B 32 19.86 31.49 26.32
C SER B 32 18.75 32.30 25.62
N THR B 33 19.06 33.54 25.25
CA THR B 33 18.16 34.34 24.41
C THR B 33 18.15 33.72 23.00
N PRO B 34 17.04 33.84 22.26
CA PRO B 34 17.02 33.28 20.91
C PRO B 34 18.03 33.95 19.97
N PHE B 35 18.80 33.14 19.25
CA PHE B 35 19.76 33.64 18.27
C PHE B 35 19.52 32.93 16.96
N VAL B 36 19.22 33.72 15.92
CA VAL B 36 18.83 33.18 14.63
C VAL B 36 19.86 33.57 13.58
N ILE B 37 20.40 32.56 12.90
CA ILE B 37 21.42 32.78 11.88
C ILE B 37 20.89 32.40 10.48
N LEU B 38 20.95 33.34 9.55
CA LEU B 38 20.69 33.02 8.14
C LEU B 38 21.98 32.51 7.50
N ILE B 39 21.88 31.36 6.83
CA ILE B 39 23.01 30.79 6.10
C ILE B 39 22.69 30.83 4.62
N LYS B 40 23.36 31.73 3.89
CA LYS B 40 23.14 31.86 2.45
C LYS B 40 23.68 30.64 1.70
N ASN B 41 23.11 30.41 0.52
CA ASN B 41 23.48 29.31 -0.37
C ASN B 41 24.98 29.15 -0.51
N GLY B 42 25.45 27.92 -0.37
CA GLY B 42 26.86 27.59 -0.45
C GLY B 42 27.14 26.31 0.29
N VAL B 43 28.28 25.69 0.00
CA VAL B 43 28.71 24.49 0.70
C VAL B 43 29.72 24.90 1.77
N TYR B 44 29.34 24.70 3.03
CA TYR B 44 30.16 25.07 4.15
C TYR B 44 30.79 23.83 4.76
N ASN B 45 32.10 23.69 4.55
CA ASN B 45 32.87 22.54 5.03
C ASN B 45 33.28 22.75 6.48
N GLU B 46 32.33 22.47 7.38
CA GLU B 46 32.51 22.68 8.81
C GLU B 46 31.91 21.51 9.60
N ARG B 47 32.54 21.23 10.73
CA ARG B 47 31.94 20.35 11.73
C ARG B 47 31.57 21.22 12.93
N LEU B 48 30.35 21.04 13.44
CA LEU B 48 29.84 21.86 14.53
C LEU B 48 29.34 21.04 15.72
N THR B 49 29.63 21.51 16.93
CA THR B 49 29.01 20.98 18.14
C THR B 49 28.26 22.08 18.87
N ILE B 50 26.93 21.99 18.86
CA ILE B 50 26.08 23.05 19.40
C ILE B 50 25.96 22.91 20.91
N THR B 51 26.41 23.92 21.63
CA THR B 51 26.40 23.93 23.10
C THR B 51 25.58 25.09 23.68
N ARG B 52 25.18 26.02 22.81
CA ARG B 52 24.31 27.14 23.20
C ARG B 52 22.83 26.77 23.03
N ASN B 53 22.06 26.93 24.11
CA ASN B 53 20.63 26.71 24.07
C ASN B 53 19.94 27.77 23.22
N ASN B 54 18.79 27.42 22.65
CA ASN B 54 17.95 28.40 21.93
C ASN B 54 18.64 28.97 20.68
N LEU B 55 19.38 28.12 19.98
CA LEU B 55 20.09 28.52 18.75
C LEU B 55 19.30 28.04 17.53
N HIS B 56 19.27 28.87 16.47
CA HIS B 56 18.42 28.61 15.30
C HIS B 56 19.10 28.93 13.99
N LEU B 57 19.24 27.92 13.14
CA LEU B 57 19.87 28.09 11.83
C LEU B 57 18.80 28.01 10.77
N LYS B 58 18.92 28.88 9.79
CA LYS B 58 17.99 28.89 8.68
C LYS B 58 18.79 29.07 7.40
N GLY B 59 18.75 28.05 6.55
CA GLY B 59 19.40 28.13 5.25
C GLY B 59 18.54 28.88 4.23
N GLU B 60 19.21 29.46 3.24
CA GLU B 60 18.50 30.16 2.16
C GLU B 60 17.61 29.21 1.36
N SER B 61 18.07 27.97 1.18
CA SER B 61 17.28 26.92 0.55
C SER B 61 17.83 25.57 0.97
N ARG B 62 16.96 24.57 1.04
CA ARG B 62 17.41 23.21 1.35
C ARG B 62 18.36 22.68 0.28
N ASN B 63 18.07 22.98 -0.99
CA ASN B 63 18.92 22.53 -2.08
C ASN B 63 20.32 23.16 -2.05
N GLY B 64 20.39 24.43 -1.67
CA GLY B 64 21.59 25.23 -1.85
C GLY B 64 22.45 25.54 -0.65
N ALA B 65 21.88 25.48 0.54
CA ALA B 65 22.62 25.77 1.77
C ALA B 65 23.00 24.47 2.44
N VAL B 66 24.30 24.14 2.40
CA VAL B 66 24.81 22.84 2.80
C VAL B 66 25.91 22.93 3.85
N ILE B 67 25.78 22.15 4.91
CA ILE B 67 26.83 21.97 5.91
C ILE B 67 27.37 20.55 5.76
N ALA B 68 28.64 20.43 5.42
CA ALA B 68 29.22 19.13 5.04
C ALA B 68 30.64 18.92 5.54
N ALA B 69 30.91 17.70 6.00
CA ALA B 69 32.27 17.25 6.30
C ALA B 69 32.32 15.74 6.10
N ALA B 70 33.50 15.21 5.79
CA ALA B 70 33.64 13.77 5.60
C ALA B 70 34.44 13.15 6.74
N THR B 71 33.77 12.31 7.54
CA THR B 71 34.38 11.66 8.71
C THR B 71 33.69 10.33 8.96
N ALA B 72 34.48 9.26 8.92
CA ALA B 72 33.98 7.95 9.28
C ALA B 72 34.40 7.62 10.71
N ALA B 73 33.70 6.69 11.35
CA ALA B 73 34.09 6.22 12.68
C ALA B 73 35.54 5.74 12.70
N GLY B 74 35.97 5.12 11.59
CA GLY B 74 37.33 4.61 11.45
C GLY B 74 38.38 5.60 10.97
N THR B 75 37.96 6.84 10.69
CA THR B 75 38.90 7.93 10.34
C THR B 75 39.76 8.21 11.57
N LEU B 76 41.07 8.33 11.36
CA LEU B 76 42.00 8.56 12.45
C LEU B 76 42.22 10.05 12.71
N LYS B 77 42.35 10.42 13.98
CA LYS B 77 42.72 11.77 14.38
C LYS B 77 44.24 11.89 14.45
N SER B 78 44.72 13.03 14.97
CA SER B 78 46.15 13.30 15.13
C SER B 78 46.85 12.28 16.02
N ASP B 79 46.25 11.98 17.18
CA ASP B 79 46.80 10.99 18.11
C ASP B 79 46.70 9.56 17.59
N GLY B 80 46.16 9.41 16.38
CA GLY B 80 46.08 8.11 15.70
C GLY B 80 44.93 7.22 16.16
N SER B 81 44.04 7.77 16.98
CA SER B 81 42.89 7.02 17.46
C SER B 81 41.66 7.31 16.60
N LYS B 82 40.66 6.43 16.68
CA LYS B 82 39.45 6.53 15.87
C LYS B 82 38.51 7.59 16.41
N TRP B 83 37.79 8.26 15.50
CA TRP B 83 36.71 9.18 15.90
C TRP B 83 35.58 8.44 16.62
N GLY B 84 35.25 7.24 16.13
CA GLY B 84 34.11 6.50 16.64
C GLY B 84 32.82 7.00 16.00
N THR B 85 31.73 6.29 16.23
CA THR B 85 30.44 6.59 15.61
C THR B 85 29.93 7.97 16.03
N ALA B 86 29.75 8.17 17.35
CA ALA B 86 29.36 9.48 17.87
C ALA B 86 30.34 10.56 17.39
N GLY B 87 31.63 10.27 17.45
CA GLY B 87 32.67 11.22 17.06
C GLY B 87 32.71 11.60 15.58
N SER B 88 32.10 10.77 14.73
CA SER B 88 32.11 10.97 13.28
C SER B 88 31.18 12.08 12.79
N SER B 89 30.26 12.51 13.65
CA SER B 89 29.17 13.41 13.25
C SER B 89 29.60 14.77 12.70
N THR B 90 28.99 15.18 11.59
CA THR B 90 29.20 16.51 11.03
C THR B 90 28.64 17.57 11.99
N ILE B 91 27.40 17.37 12.41
CA ILE B 91 26.77 18.25 13.39
C ILE B 91 26.32 17.48 14.61
N THR B 92 26.73 17.98 15.79
CA THR B 92 26.35 17.39 17.07
C THR B 92 25.53 18.41 17.89
N ILE B 93 24.32 18.03 18.28
CA ILE B 93 23.44 18.89 19.10
C ILE B 93 23.52 18.54 20.58
N SER B 94 24.18 19.40 21.34
CA SER B 94 24.37 19.18 22.78
C SER B 94 23.82 20.35 23.59
N ALA B 95 22.76 20.96 23.06
CA ALA B 95 22.04 22.02 23.75
C ALA B 95 20.55 21.88 23.46
N LYS B 96 19.74 22.65 24.17
CA LYS B 96 18.29 22.53 24.07
C LYS B 96 17.69 23.58 23.14
N ASP B 97 16.48 23.29 22.64
CA ASP B 97 15.72 24.25 21.82
C ASP B 97 16.45 24.70 20.57
N PHE B 98 17.21 23.77 19.98
CA PHE B 98 17.83 24.00 18.68
C PHE B 98 16.81 23.84 17.58
N SER B 99 16.92 24.66 16.54
CA SER B 99 16.21 24.39 15.29
C SER B 99 17.11 24.63 14.08
N ALA B 100 16.85 23.86 13.03
CA ALA B 100 17.43 24.11 11.73
C ALA B 100 16.30 24.03 10.71
N GLN B 101 16.31 24.96 9.76
CA GLN B 101 15.30 25.01 8.70
C GLN B 101 15.95 25.27 7.35
N SER B 102 15.39 24.66 6.30
CA SER B 102 15.77 24.90 4.90
C SER B 102 17.28 24.83 4.63
N LEU B 103 17.88 23.71 5.00
CA LEU B 103 19.30 23.47 4.80
C LEU B 103 19.58 21.96 4.79
N THR B 104 20.78 21.60 4.36
CA THR B 104 21.20 20.21 4.21
C THR B 104 22.39 19.99 5.12
N ILE B 105 22.41 18.85 5.82
CA ILE B 105 23.58 18.45 6.61
C ILE B 105 24.07 17.11 6.06
N ARG B 106 25.33 17.06 5.62
CA ARG B 106 25.88 15.82 5.06
C ARG B 106 27.08 15.30 5.82
N ASN B 107 27.21 13.98 5.84
CA ASN B 107 28.51 13.38 6.01
C ASN B 107 28.95 12.91 4.62
N ASP B 108 30.08 13.46 4.17
CA ASP B 108 30.58 13.21 2.81
C ASP B 108 31.54 12.03 2.72
N PHE B 109 31.65 11.24 3.79
CA PHE B 109 32.45 10.02 3.73
C PHE B 109 31.95 9.17 2.56
N ASP B 110 32.87 8.84 1.67
CA ASP B 110 32.50 8.18 0.42
C ASP B 110 32.48 6.68 0.63
N PHE B 111 31.37 6.22 1.22
CA PHE B 111 31.20 4.81 1.55
C PHE B 111 31.40 3.88 0.34
N PRO B 112 30.74 4.18 -0.80
CA PRO B 112 30.92 3.26 -1.94
C PRO B 112 32.37 3.19 -2.43
N ALA B 113 33.05 4.33 -2.49
CA ALA B 113 34.46 4.36 -2.90
C ALA B 113 35.32 3.56 -1.92
N ASN B 114 35.05 3.74 -0.63
CA ASN B 114 35.70 2.95 0.40
C ASN B 114 35.52 1.44 0.18
N GLN B 115 34.28 1.01 -0.07
CA GLN B 115 33.98 -0.42 -0.26
C GLN B 115 34.62 -0.98 -1.53
N ALA B 116 34.76 -0.13 -2.55
CA ALA B 116 35.38 -0.52 -3.82
C ALA B 116 36.90 -0.74 -3.72
N LYS B 117 37.51 -0.25 -2.65
CA LYS B 117 38.95 -0.42 -2.45
C LYS B 117 39.31 -1.88 -2.29
N SER B 118 40.51 -2.23 -2.73
CA SER B 118 41.04 -3.58 -2.55
C SER B 118 41.20 -3.90 -1.07
N ASP B 119 40.94 -5.15 -0.70
CA ASP B 119 41.01 -5.58 0.70
C ASP B 119 42.38 -5.35 1.34
N SER B 120 43.44 -5.41 0.52
CA SER B 120 44.79 -5.14 1.00
C SER B 120 45.15 -3.65 1.11
N ASP B 121 44.27 -2.78 0.62
CA ASP B 121 44.47 -1.31 0.70
C ASP B 121 44.36 -0.84 2.16
N SER B 122 45.47 -0.32 2.69
CA SER B 122 45.55 0.07 4.09
C SER B 122 44.65 1.27 4.44
N SER B 123 44.24 2.03 3.42
CA SER B 123 43.35 3.18 3.61
C SER B 123 41.87 2.80 3.61
N LYS B 124 41.55 1.53 3.35
CA LYS B 124 40.17 1.04 3.37
C LYS B 124 39.68 0.91 4.80
N ILE B 125 38.67 1.72 5.14
CA ILE B 125 38.14 1.77 6.49
C ILE B 125 37.13 0.65 6.75
N LYS B 126 37.28 -0.02 7.90
CA LYS B 126 36.32 -1.04 8.32
C LYS B 126 35.14 -0.43 9.09
N ASP B 127 35.43 0.50 9.99
CA ASP B 127 34.39 1.17 10.76
C ASP B 127 33.75 2.27 9.91
N THR B 128 32.75 1.87 9.14
CA THR B 128 32.19 2.69 8.08
C THR B 128 31.03 3.58 8.49
N GLN B 129 30.64 3.55 9.76
CA GLN B 129 29.59 4.48 10.18
C GLN B 129 30.09 5.91 10.04
N ALA B 130 29.24 6.79 9.55
CA ALA B 130 29.62 8.17 9.31
C ALA B 130 28.40 9.05 9.48
N VAL B 131 28.26 9.61 10.68
CA VAL B 131 27.03 10.31 11.07
C VAL B 131 26.96 11.74 10.50
N ALA B 132 25.80 12.07 9.91
CA ALA B 132 25.57 13.43 9.42
C ALA B 132 25.15 14.29 10.60
N LEU B 133 24.13 13.82 11.33
CA LEU B 133 23.58 14.57 12.45
C LEU B 133 23.43 13.69 13.67
N TYR B 134 23.88 14.22 14.81
CA TYR B 134 23.79 13.54 16.08
C TYR B 134 23.12 14.47 17.08
N VAL B 135 21.92 14.10 17.49
CA VAL B 135 21.22 14.79 18.58
C VAL B 135 21.50 14.01 19.86
N THR B 136 22.20 14.66 20.79
CA THR B 136 22.63 13.98 22.01
C THR B 136 21.60 14.10 23.13
N LYS B 137 21.87 13.39 24.23
CA LYS B 137 21.06 13.46 25.45
C LYS B 137 20.95 14.86 26.04
N SER B 138 21.85 15.76 25.61
CA SER B 138 21.83 17.15 26.05
C SER B 138 21.09 18.05 25.06
N GLY B 139 20.46 17.44 24.06
CA GLY B 139 19.85 18.18 22.97
C GLY B 139 18.35 18.11 22.85
N ASP B 140 17.66 17.96 23.98
CA ASP B 140 16.19 17.88 24.03
C ASP B 140 15.52 19.04 23.31
N ARG B 141 14.38 18.76 22.68
CA ARG B 141 13.58 19.74 21.96
C ARG B 141 14.31 20.30 20.73
N ALA B 142 14.77 19.40 19.87
CA ALA B 142 15.51 19.74 18.67
C ALA B 142 14.60 19.56 17.43
N TYR B 143 14.44 20.64 16.67
CA TYR B 143 13.45 20.74 15.58
C TYR B 143 14.12 20.98 14.22
N PHE B 144 13.80 20.13 13.24
CA PHE B 144 14.37 20.22 11.91
C PHE B 144 13.25 20.30 10.87
N LYS B 145 13.07 21.47 10.27
CA LYS B 145 12.00 21.67 9.28
C LYS B 145 12.58 21.90 7.90
N ASP B 146 12.12 21.13 6.92
CA ASP B 146 12.62 21.25 5.55
C ASP B 146 14.15 21.06 5.55
N VAL B 147 14.61 20.01 6.23
CA VAL B 147 16.03 19.74 6.33
C VAL B 147 16.33 18.43 5.62
N SER B 148 17.48 18.38 4.96
CA SER B 148 17.95 17.17 4.31
C SER B 148 19.18 16.62 5.03
N LEU B 149 19.13 15.34 5.37
CA LEU B 149 20.25 14.65 6.04
C LEU B 149 20.82 13.61 5.10
N VAL B 150 22.11 13.71 4.81
CA VAL B 150 22.76 12.86 3.82
C VAL B 150 23.85 11.99 4.43
N GLY B 151 23.77 10.69 4.16
CA GLY B 151 24.85 9.78 4.51
C GLY B 151 24.62 8.39 3.94
N TYR B 152 25.42 7.45 4.40
CA TYR B 152 25.18 6.04 4.09
C TYR B 152 24.87 5.28 5.37
N GLN B 153 25.90 4.74 6.02
CA GLN B 153 25.71 4.06 7.30
C GLN B 153 25.57 5.07 8.43
N ASP B 154 24.52 4.92 9.23
CA ASP B 154 24.32 5.70 10.48
C ASP B 154 24.11 7.19 10.26
N THR B 155 23.33 7.55 9.26
CA THR B 155 23.16 8.96 8.89
C THR B 155 22.69 9.82 10.06
N LEU B 156 21.63 9.37 10.73
CA LEU B 156 21.05 10.14 11.83
C LEU B 156 21.06 9.37 13.13
N TYR B 157 21.73 9.94 14.12
CA TYR B 157 21.89 9.37 15.44
C TYR B 157 21.05 10.22 16.40
N VAL B 158 19.95 9.64 16.91
CA VAL B 158 19.07 10.36 17.82
C VAL B 158 19.06 9.73 19.21
N SER B 159 19.55 10.49 20.19
CA SER B 159 19.75 9.97 21.54
C SER B 159 19.17 10.88 22.63
N GLY B 160 18.56 10.27 23.63
CA GLY B 160 18.11 10.97 24.83
C GLY B 160 16.71 11.54 24.71
N GLY B 161 16.64 12.82 24.38
CA GLY B 161 15.40 13.57 24.45
C GLY B 161 14.53 13.48 23.21
N ARG B 162 13.76 14.55 23.01
CA ARG B 162 12.78 14.60 21.93
C ARG B 162 13.32 15.41 20.78
N SER B 163 13.10 14.90 19.57
CA SER B 163 13.42 15.62 18.36
C SER B 163 12.26 15.46 17.39
N PHE B 164 12.09 16.44 16.51
CA PHE B 164 11.01 16.45 15.52
C PHE B 164 11.56 16.82 14.15
N PHE B 165 11.30 15.98 13.16
CA PHE B 165 11.74 16.22 11.78
C PHE B 165 10.52 16.35 10.88
N SER B 166 10.42 17.50 10.21
CA SER B 166 9.20 17.83 9.46
C SER B 166 9.60 18.20 8.02
N ASP B 167 8.86 17.68 7.04
CA ASP B 167 9.10 18.01 5.62
C ASP B 167 10.56 17.73 5.26
N CYS B 168 11.05 16.58 5.71
CA CYS B 168 12.47 16.30 5.66
C CYS B 168 12.83 15.25 4.63
N ARG B 169 14.13 15.20 4.32
CA ARG B 169 14.70 14.13 3.50
C ARG B 169 15.85 13.53 4.30
N ILE B 170 15.84 12.22 4.44
CA ILE B 170 16.93 11.51 5.09
C ILE B 170 17.33 10.34 4.22
N SER B 171 18.61 10.28 3.88
CA SER B 171 19.11 9.21 3.03
C SER B 171 20.16 8.36 3.73
N GLY B 172 20.24 7.10 3.34
CA GLY B 172 21.25 6.22 3.87
C GLY B 172 21.09 4.77 3.47
N THR B 173 21.89 3.95 4.11
CA THR B 173 21.93 2.51 3.84
C THR B 173 21.64 1.74 5.13
N VAL B 174 22.67 1.51 5.93
CA VAL B 174 22.56 0.68 7.12
C VAL B 174 22.30 1.49 8.39
N ASP B 175 21.16 1.18 9.03
CA ASP B 175 20.76 1.79 10.30
C ASP B 175 20.77 3.31 10.23
N PHE B 176 20.19 3.87 9.18
CA PHE B 176 20.40 5.31 8.93
C PHE B 176 19.56 6.24 9.82
N ILE B 177 18.62 5.67 10.55
CA ILE B 177 18.01 6.36 11.69
C ILE B 177 18.18 5.43 12.87
N PHE B 178 18.98 5.84 13.85
CA PHE B 178 19.30 4.94 14.94
C PHE B 178 19.47 5.66 16.28
N GLY B 179 19.31 4.91 17.36
CA GLY B 179 19.45 5.50 18.70
C GLY B 179 18.23 5.34 19.59
N ASP B 180 18.32 5.92 20.79
CA ASP B 180 17.35 5.66 21.86
C ASP B 180 16.42 6.84 22.13
N GLY B 181 16.57 7.91 21.35
CA GLY B 181 15.77 9.12 21.50
C GLY B 181 14.33 8.96 21.12
N THR B 182 13.52 9.94 21.50
CA THR B 182 12.16 10.09 20.98
C THR B 182 12.27 10.99 19.76
N ALA B 183 12.08 10.39 18.58
CA ALA B 183 12.26 11.12 17.34
C ALA B 183 11.02 10.91 16.48
N LEU B 184 10.32 11.99 16.20
CA LEU B 184 9.10 11.96 15.39
C LEU B 184 9.45 12.53 14.02
N PHE B 185 9.03 11.84 12.95
CA PHE B 185 9.28 12.27 11.59
C PHE B 185 7.95 12.39 10.88
N ASN B 186 7.63 13.59 10.40
CA ASN B 186 6.39 13.79 9.67
C ASN B 186 6.62 14.37 8.28
N ASN B 187 5.93 13.80 7.30
CA ASN B 187 6.00 14.22 5.91
C ASN B 187 7.45 14.18 5.39
N CYS B 188 8.17 13.11 5.74
CA CYS B 188 9.54 12.98 5.29
C CYS B 188 9.69 11.99 4.15
N ASP B 189 10.71 12.21 3.32
CA ASP B 189 11.19 11.20 2.38
C ASP B 189 12.36 10.47 3.04
N LEU B 190 12.20 9.17 3.24
CA LEU B 190 13.29 8.33 3.75
C LEU B 190 13.83 7.50 2.60
N VAL B 191 15.07 7.81 2.20
CA VAL B 191 15.58 7.37 0.92
C VAL B 191 16.63 6.29 1.09
N SER B 192 16.30 5.07 0.65
CA SER B 192 17.20 3.93 0.75
C SER B 192 18.13 3.96 -0.45
N ARG B 193 19.44 3.94 -0.19
CA ARG B 193 20.44 4.12 -1.23
C ARG B 193 20.97 2.84 -1.86
N TYR B 194 21.42 2.96 -3.11
CA TYR B 194 21.96 1.83 -3.85
C TYR B 194 23.28 1.34 -3.24
N ARG B 195 23.47 0.01 -3.21
CA ARG B 195 24.73 -0.55 -2.73
C ARG B 195 25.43 -1.47 -3.72
N ALA B 196 26.45 -0.90 -4.35
CA ALA B 196 27.25 -1.59 -5.35
C ALA B 196 27.98 -2.79 -4.76
N ASP B 197 28.25 -2.76 -3.45
CA ASP B 197 29.05 -3.80 -2.80
C ASP B 197 28.24 -5.00 -2.29
N VAL B 198 26.92 -4.94 -2.41
CA VAL B 198 26.04 -6.01 -1.89
C VAL B 198 25.57 -6.91 -3.02
N LYS B 199 25.81 -8.21 -2.86
CA LYS B 199 25.43 -9.20 -3.87
C LYS B 199 23.92 -9.31 -4.01
N SER B 200 23.47 -9.60 -5.24
CA SER B 200 22.08 -9.93 -5.52
C SER B 200 21.58 -10.96 -4.51
N GLY B 201 20.44 -10.66 -3.89
CA GLY B 201 19.86 -11.57 -2.89
C GLY B 201 20.19 -11.24 -1.45
N ASN B 202 21.19 -10.39 -1.23
CA ASN B 202 21.57 -9.98 0.13
C ASN B 202 20.96 -8.64 0.53
N VAL B 203 20.97 -8.36 1.83
CA VAL B 203 20.35 -7.17 2.39
C VAL B 203 21.25 -5.94 2.19
N SER B 204 20.66 -4.89 1.62
CA SER B 204 21.36 -3.63 1.39
C SER B 204 21.37 -2.72 2.63
N GLY B 205 20.29 -2.73 3.41
CA GLY B 205 20.28 -1.90 4.60
C GLY B 205 19.05 -1.99 5.46
N TYR B 206 18.95 -1.03 6.38
CA TYR B 206 17.86 -0.96 7.35
C TYR B 206 17.59 0.50 7.62
N LEU B 207 16.33 0.89 7.48
CA LEU B 207 15.93 2.27 7.74
C LEU B 207 16.23 2.69 9.17
N THR B 208 15.84 1.85 10.12
CA THR B 208 15.98 2.20 11.54
C THR B 208 16.70 1.13 12.37
N ALA B 209 17.40 1.56 13.39
CA ALA B 209 17.94 0.65 14.39
C ALA B 209 17.73 1.34 15.73
N PRO B 210 16.52 1.21 16.29
CA PRO B 210 16.21 1.90 17.54
C PRO B 210 16.81 1.13 18.71
N SER B 211 17.26 1.90 19.72
CA SER B 211 17.80 1.33 20.96
C SER B 211 16.98 1.81 22.17
N THR B 212 15.72 2.15 21.90
CA THR B 212 14.81 2.70 22.90
C THR B 212 14.72 1.82 24.14
N ASN B 213 15.00 2.40 25.31
CA ASN B 213 14.84 1.67 26.57
C ASN B 213 13.39 1.22 26.73
N ILE B 214 13.22 -0.01 27.21
CA ILE B 214 11.89 -0.62 27.38
C ILE B 214 10.91 0.25 28.20
N ASN B 215 11.43 1.02 29.15
CA ASN B 215 10.58 1.84 30.02
C ASN B 215 10.29 3.22 29.42
N GLN B 216 10.81 3.48 28.23
CA GLN B 216 10.53 4.70 27.49
C GLN B 216 9.33 4.46 26.57
N LYS B 217 8.34 5.35 26.65
CA LYS B 217 7.08 5.16 25.95
C LYS B 217 7.23 5.27 24.43
N TYR B 218 8.00 6.25 23.96
CA TYR B 218 8.15 6.48 22.52
C TYR B 218 9.61 6.43 22.05
N GLY B 219 9.83 5.68 20.97
CA GLY B 219 11.12 5.66 20.26
C GLY B 219 11.08 6.42 18.94
N LEU B 220 11.25 5.68 17.85
CA LEU B 220 11.23 6.27 16.51
C LEU B 220 9.82 6.19 15.92
N VAL B 221 9.20 7.34 15.70
CA VAL B 221 7.84 7.38 15.18
C VAL B 221 7.80 8.08 13.83
N ILE B 222 7.34 7.37 12.81
CA ILE B 222 7.33 7.89 11.44
C ILE B 222 5.90 8.05 10.91
N THR B 223 5.51 9.29 10.63
CA THR B 223 4.12 9.57 10.22
C THR B 223 3.99 10.26 8.86
N ASN B 224 2.96 9.90 8.10
CA ASN B 224 2.62 10.61 6.85
C ASN B 224 3.84 10.81 5.95
N SER B 225 4.66 9.77 5.85
CA SER B 225 5.94 9.87 5.17
C SER B 225 6.01 8.96 3.94
N ARG B 226 7.16 8.99 3.28
CA ARG B 226 7.40 8.21 2.07
C ARG B 226 8.73 7.47 2.18
N VAL B 227 8.64 6.15 2.16
CA VAL B 227 9.81 5.28 2.24
C VAL B 227 10.11 4.89 0.81
N ILE B 228 11.17 5.48 0.24
CA ILE B 228 11.45 5.38 -1.20
C ILE B 228 12.86 4.88 -1.51
N ARG B 229 13.04 4.35 -2.70
CA ARG B 229 14.37 4.00 -3.19
C ARG B 229 15.03 5.17 -3.92
N GLU B 230 16.33 5.26 -3.76
CA GLU B 230 17.15 6.28 -4.39
C GLU B 230 17.12 6.17 -5.92
N SER B 231 17.07 4.93 -6.41
CA SER B 231 17.11 4.63 -7.84
C SER B 231 16.42 3.30 -8.12
N ASP B 232 16.15 3.05 -9.41
CA ASP B 232 15.60 1.79 -9.88
C ASP B 232 16.52 0.59 -9.66
N SER B 233 17.80 0.84 -9.39
CA SER B 233 18.80 -0.20 -9.17
C SER B 233 18.78 -0.74 -7.74
N VAL B 234 18.06 -0.06 -6.85
CA VAL B 234 17.82 -0.58 -5.51
C VAL B 234 16.84 -1.74 -5.66
N PRO B 235 17.29 -2.97 -5.38
CA PRO B 235 16.47 -4.18 -5.60
C PRO B 235 15.21 -4.28 -4.74
N ALA B 236 14.19 -4.94 -5.26
CA ALA B 236 13.04 -5.31 -4.44
C ALA B 236 13.52 -6.13 -3.24
N LYS B 237 12.87 -5.96 -2.10
CA LYS B 237 13.11 -6.74 -0.89
C LYS B 237 14.58 -6.74 -0.46
N SER B 238 15.18 -5.55 -0.45
CA SER B 238 16.59 -5.37 -0.09
C SER B 238 16.77 -4.59 1.22
N TYR B 239 15.69 -3.98 1.70
CA TYR B 239 15.75 -3.09 2.87
C TYR B 239 14.79 -3.46 3.97
N GLY B 240 15.30 -3.51 5.19
CA GLY B 240 14.47 -3.74 6.37
C GLY B 240 13.95 -2.43 6.91
N LEU B 241 12.76 -2.45 7.51
CA LEU B 241 12.18 -1.28 8.16
C LEU B 241 12.93 -0.91 9.41
N GLY B 242 13.47 -1.92 10.07
CA GLY B 242 14.23 -1.72 11.29
C GLY B 242 14.79 -3.04 11.78
N ARG B 243 15.84 -2.95 12.58
CA ARG B 243 16.35 -4.10 13.34
C ARG B 243 16.69 -3.60 14.75
N PRO B 244 16.67 -4.49 15.76
CA PRO B 244 16.79 -4.04 17.16
C PRO B 244 18.22 -3.81 17.64
N TRP B 245 18.62 -2.54 17.75
CA TRP B 245 19.95 -2.20 18.25
C TRP B 245 20.01 -2.23 19.78
N HIS B 246 20.79 -3.17 20.31
CA HIS B 246 21.04 -3.24 21.75
C HIS B 246 22.49 -2.81 22.01
N PRO B 247 22.71 -1.50 22.26
CA PRO B 247 24.09 -1.00 22.26
C PRO B 247 24.97 -1.64 23.32
N THR B 248 26.24 -1.83 22.97
CA THR B 248 27.26 -2.23 23.92
C THR B 248 27.27 -1.20 25.04
N THR B 249 27.08 -1.66 26.27
CA THR B 249 26.89 -0.79 27.43
C THR B 249 27.65 -1.37 28.61
N THR B 250 28.18 -0.49 29.46
CA THR B 250 28.91 -0.93 30.66
C THR B 250 27.96 -1.09 31.85
N PHE B 251 27.94 -2.30 32.41
CA PHE B 251 27.14 -2.61 33.58
C PHE B 251 28.04 -3.09 34.73
N SER B 252 27.46 -3.28 35.91
CA SER B 252 28.24 -3.77 37.04
C SER B 252 28.83 -5.16 36.78
N ASP B 253 28.18 -5.96 35.92
CA ASP B 253 28.71 -7.31 35.61
C ASP B 253 29.41 -7.43 34.24
N GLY B 254 29.87 -6.30 33.70
CA GLY B 254 30.63 -6.32 32.45
C GLY B 254 30.07 -5.40 31.38
N ARG B 255 30.69 -5.42 30.20
CA ARG B 255 30.32 -4.53 29.09
C ARG B 255 29.83 -5.36 27.89
N TYR B 256 28.55 -5.18 27.57
CA TYR B 256 27.87 -6.04 26.59
C TYR B 256 26.57 -5.39 26.08
N ALA B 257 25.91 -6.05 25.12
CA ALA B 257 24.67 -5.55 24.52
C ALA B 257 23.54 -5.38 25.56
N ASP B 258 23.03 -4.16 25.67
CA ASP B 258 22.00 -3.80 26.66
C ASP B 258 20.73 -4.63 26.48
N PRO B 259 20.39 -5.51 27.45
CA PRO B 259 19.19 -6.34 27.30
C PRO B 259 17.90 -5.50 27.26
N ASN B 260 17.93 -4.34 27.91
CA ASN B 260 16.74 -3.52 28.09
C ASN B 260 16.51 -2.45 27.00
N ALA B 261 17.41 -2.40 26.03
CA ALA B 261 17.28 -1.51 24.88
C ALA B 261 16.43 -2.24 23.84
N ILE B 262 15.13 -2.29 24.12
CA ILE B 262 14.17 -3.01 23.29
C ILE B 262 13.47 -1.95 22.44
N GLY B 263 14.06 -1.67 21.28
CA GLY B 263 13.73 -0.48 20.50
C GLY B 263 12.32 -0.45 19.94
N GLN B 264 11.85 0.78 19.72
CA GLN B 264 10.56 1.02 19.10
C GLN B 264 10.72 1.73 17.76
N THR B 265 10.10 1.17 16.72
CA THR B 265 9.91 1.89 15.45
C THR B 265 8.46 1.69 15.02
N VAL B 266 7.74 2.80 14.89
CA VAL B 266 6.34 2.75 14.43
C VAL B 266 6.16 3.61 13.17
N PHE B 267 5.62 2.99 12.12
CA PHE B 267 5.22 3.70 10.89
C PHE B 267 3.70 3.88 10.87
N LEU B 268 3.24 5.10 10.67
CA LEU B 268 1.81 5.35 10.52
C LEU B 268 1.55 6.10 9.21
N ASN B 269 0.57 5.62 8.45
CA ASN B 269 0.13 6.27 7.22
C ASN B 269 1.29 6.63 6.29
N THR B 270 2.19 5.67 6.12
CA THR B 270 3.42 5.88 5.38
C THR B 270 3.48 4.98 4.13
N SER B 271 3.82 5.59 2.99
CA SER B 271 4.00 4.83 1.75
C SER B 271 5.35 4.11 1.75
N MET B 272 5.38 2.93 1.14
CA MET B 272 6.60 2.12 1.10
C MET B 272 6.72 1.47 -0.27
N ASP B 273 7.83 1.71 -0.97
CA ASP B 273 8.11 1.01 -2.23
C ASP B 273 8.58 -0.41 -1.95
N ASN B 274 8.68 -1.23 -2.98
CA ASN B 274 8.88 -2.66 -2.79
C ASN B 274 10.32 -3.09 -2.47
N HIS B 275 11.22 -2.12 -2.27
CA HIS B 275 12.55 -2.40 -1.73
C HIS B 275 12.44 -2.89 -0.29
N ILE B 276 11.32 -2.59 0.36
CA ILE B 276 11.05 -3.02 1.74
C ILE B 276 10.60 -4.47 1.79
N TYR B 277 11.25 -5.27 2.65
CA TYR B 277 10.84 -6.66 2.85
C TYR B 277 10.16 -6.90 4.19
N GLY B 278 10.35 -6.00 5.14
CA GLY B 278 9.78 -6.18 6.47
C GLY B 278 10.78 -5.79 7.54
N TRP B 279 10.68 -6.45 8.71
CA TRP B 279 11.59 -6.18 9.81
C TRP B 279 12.71 -7.21 9.80
N ASP B 280 13.73 -7.00 10.65
CA ASP B 280 14.82 -7.96 10.74
C ASP B 280 15.39 -8.04 12.16
N LYS B 281 16.26 -9.03 12.36
CA LYS B 281 16.96 -9.21 13.62
C LYS B 281 18.33 -8.52 13.57
N MET B 282 18.98 -8.46 14.72
CA MET B 282 20.32 -7.90 14.82
C MET B 282 21.05 -8.61 15.93
N SER B 283 22.35 -8.82 15.74
CA SER B 283 23.19 -9.52 16.71
C SER B 283 24.04 -8.57 17.55
N GLY B 284 24.37 -9.03 18.75
CA GLY B 284 25.33 -8.35 19.63
C GLY B 284 26.11 -9.42 20.38
N LYS B 285 26.77 -9.00 21.46
CA LYS B 285 27.54 -9.88 22.33
C LYS B 285 26.93 -9.78 23.72
N ASP B 286 26.60 -10.93 24.30
CA ASP B 286 25.98 -10.97 25.63
C ASP B 286 27.02 -10.89 26.75
N LYS B 287 26.56 -11.08 27.99
CA LYS B 287 27.39 -10.90 29.18
C LYS B 287 28.50 -11.96 29.31
N ASN B 288 28.38 -13.04 28.54
CA ASN B 288 29.39 -14.10 28.52
C ASN B 288 30.37 -14.00 27.35
N GLY B 289 30.15 -13.03 26.47
CA GLY B 289 30.95 -12.86 25.27
C GLY B 289 30.46 -13.64 24.07
N ASN B 290 29.29 -14.28 24.21
CA ASN B 290 28.69 -15.04 23.12
C ASN B 290 27.85 -14.17 22.20
N THR B 291 27.75 -14.60 20.94
CA THR B 291 26.78 -14.02 20.02
C THR B 291 25.38 -14.19 20.60
N ILE B 292 24.58 -13.12 20.50
CA ILE B 292 23.19 -13.15 20.88
C ILE B 292 22.40 -12.40 19.82
N TRP B 293 21.29 -12.99 19.35
CA TRP B 293 20.42 -12.36 18.38
C TRP B 293 19.22 -11.72 19.06
N PHE B 294 18.91 -10.51 18.60
CA PHE B 294 17.74 -9.78 19.04
C PHE B 294 16.73 -9.75 17.91
N ASN B 295 15.54 -10.25 18.21
CA ASN B 295 14.55 -10.56 17.17
C ASN B 295 13.48 -9.48 17.04
N PRO B 296 12.99 -9.22 15.81
CA PRO B 296 11.99 -8.17 15.60
C PRO B 296 10.65 -8.44 16.32
N GLU B 297 10.26 -9.70 16.44
CA GLU B 297 9.02 -10.06 17.12
C GLU B 297 9.07 -9.74 18.61
N ASP B 298 10.29 -9.64 19.15
CA ASP B 298 10.52 -9.27 20.54
C ASP B 298 10.69 -7.76 20.75
N SER B 299 10.66 -7.02 19.65
CA SER B 299 10.87 -5.59 19.72
C SER B 299 9.57 -4.84 19.45
N ARG B 300 9.59 -3.53 19.64
CA ARG B 300 8.38 -2.74 19.47
C ARG B 300 8.27 -2.18 18.05
N PHE B 301 8.06 -3.10 17.11
CA PHE B 301 8.03 -2.80 15.67
C PHE B 301 6.61 -2.91 15.13
N PHE B 302 6.01 -1.78 14.77
CA PHE B 302 4.60 -1.75 14.36
C PHE B 302 4.36 -0.84 13.17
N GLU B 303 3.30 -1.15 12.42
CA GLU B 303 2.80 -0.31 11.35
C GLU B 303 1.31 -0.01 11.52
N TYR B 304 0.89 1.12 10.97
CA TYR B 304 -0.52 1.46 10.88
C TYR B 304 -0.81 2.06 9.51
N LYS B 305 -1.63 1.34 8.74
CA LYS B 305 -2.07 1.78 7.41
C LYS B 305 -0.91 2.17 6.47
N SER B 306 0.11 1.32 6.40
CA SER B 306 1.16 1.49 5.39
C SER B 306 0.52 1.24 4.02
N TYR B 307 1.08 1.85 2.97
CA TYR B 307 0.58 1.59 1.62
C TYR B 307 1.71 1.59 0.60
N GLY B 308 1.40 1.19 -0.64
CA GLY B 308 2.45 1.03 -1.64
C GLY B 308 2.96 -0.41 -1.68
N ALA B 309 3.80 -0.71 -2.66
CA ALA B 309 4.21 -2.09 -2.92
C ALA B 309 4.98 -2.78 -1.78
N GLY B 310 5.63 -2.00 -0.93
CA GLY B 310 6.37 -2.54 0.20
C GLY B 310 5.55 -2.71 1.47
N ALA B 311 4.24 -2.46 1.38
CA ALA B 311 3.35 -2.53 2.53
C ALA B 311 2.59 -3.86 2.53
N THR B 312 3.06 -4.83 3.25
CA THR B 312 2.38 -6.09 3.43
C THR B 312 1.86 -6.17 4.84
N VAL B 313 0.74 -6.81 4.97
CA VAL B 313 0.22 -7.14 6.27
C VAL B 313 0.35 -8.64 6.44
N SER B 314 1.13 -9.04 7.44
CA SER B 314 1.34 -10.44 7.75
C SER B 314 1.59 -10.58 9.25
N LYS B 315 1.80 -11.81 9.68
CA LYS B 315 2.09 -12.10 11.08
C LYS B 315 3.41 -11.47 11.50
N ASP B 316 4.35 -11.40 10.56
CA ASP B 316 5.68 -10.84 10.81
C ASP B 316 5.67 -9.30 10.70
N ARG B 317 4.52 -8.74 10.35
CA ARG B 317 4.34 -7.30 10.34
C ARG B 317 3.12 -6.85 11.12
N ARG B 318 3.34 -6.64 12.41
CA ARG B 318 2.27 -6.33 13.35
C ARG B 318 1.67 -4.96 13.07
N GLN B 319 0.35 -4.88 13.26
CA GLN B 319 -0.40 -3.70 12.91
C GLN B 319 -1.05 -3.13 14.15
N LEU B 320 -1.07 -1.80 14.25
CA LEU B 320 -1.80 -1.13 15.33
C LEU B 320 -3.28 -1.14 15.04
N THR B 321 -4.08 -1.15 16.09
CA THR B 321 -5.52 -0.88 15.98
C THR B 321 -5.68 0.62 15.83
N ASP B 322 -6.86 1.04 15.40
CA ASP B 322 -7.18 2.48 15.33
C ASP B 322 -6.95 3.17 16.69
N ALA B 323 -7.35 2.48 17.77
CA ALA B 323 -7.21 3.01 19.14
C ALA B 323 -5.73 3.11 19.58
N GLN B 324 -4.93 2.14 19.14
CA GLN B 324 -3.48 2.19 19.38
C GLN B 324 -2.80 3.30 18.60
N ALA B 325 -3.28 3.52 17.36
CA ALA B 325 -2.73 4.56 16.49
C ALA B 325 -2.93 5.97 17.03
N ALA B 326 -4.02 6.19 17.77
CA ALA B 326 -4.31 7.50 18.36
C ALA B 326 -3.29 7.87 19.45
N GLU B 327 -2.52 6.88 19.89
CA GLU B 327 -1.46 7.12 20.88
C GLU B 327 -0.20 7.73 20.25
N TYR B 328 -0.17 7.81 18.92
CA TYR B 328 1.02 8.26 18.19
C TYR B 328 0.83 9.59 17.48
N THR B 329 -0.07 10.42 18.01
CA THR B 329 -0.21 11.80 17.56
C THR B 329 1.02 12.60 17.98
N GLN B 330 1.29 13.68 17.27
CA GLN B 330 2.37 14.60 17.64
C GLN B 330 2.30 15.03 19.12
N SER B 331 1.10 15.37 19.58
CA SER B 331 0.89 15.82 20.96
C SER B 331 1.37 14.79 21.99
N LYS B 332 1.01 13.53 21.77
CA LYS B 332 1.36 12.45 22.68
C LYS B 332 2.84 12.08 22.62
N VAL B 333 3.39 12.00 21.40
CA VAL B 333 4.79 11.64 21.20
C VAL B 333 5.75 12.68 21.79
N LEU B 334 5.43 13.96 21.58
CA LEU B 334 6.31 15.05 22.00
C LEU B 334 5.97 15.67 23.36
N GLY B 335 4.91 15.17 23.99
CA GLY B 335 4.47 15.63 25.31
C GLY B 335 4.21 17.13 25.39
N ASP B 336 4.87 17.78 26.34
CA ASP B 336 4.65 19.21 26.62
C ASP B 336 5.42 20.18 25.71
N TRP B 337 6.05 19.64 24.67
CA TRP B 337 6.81 20.45 23.72
C TRP B 337 6.08 20.55 22.39
N THR B 338 5.78 21.79 22.00
CA THR B 338 5.26 22.10 20.68
C THR B 338 6.37 22.74 19.86
N PRO B 339 6.93 22.00 18.87
CA PRO B 339 8.00 22.55 18.03
C PRO B 339 7.56 23.83 17.32
N THR B 340 8.37 24.88 17.49
CA THR B 340 8.10 26.17 16.88
C THR B 340 9.40 26.76 16.34
N LEU B 341 9.30 27.45 15.20
CA LEU B 341 10.43 28.17 14.64
C LEU B 341 10.41 29.61 15.13
N PRO B 342 11.59 30.25 15.25
CA PRO B 342 11.64 31.65 15.68
C PRO B 342 10.95 32.57 14.66
C1 ADA C . -5.59 -14.01 -26.96
C2 ADA C . -5.99 -12.79 -26.11
C3 ADA C . -5.89 -13.12 -24.61
C4 ADA C . -6.68 -14.37 -24.28
C5 ADA C . -6.20 -15.55 -25.15
C6 ADA C . -7.00 -16.79 -24.84
O1 ADA C . -4.17 -14.22 -26.92
O2 ADA C . -5.15 -11.67 -26.43
O3 ADA C . -6.36 -12.02 -23.81
O4 ADA C . -8.09 -14.15 -24.45
O5 ADA C . -6.30 -15.21 -26.55
O6B ADA C . -7.80 -17.23 -25.70
O6A ADA C . -6.83 -17.35 -23.73
C1 ADA C . -9.30 -13.52 -23.99
C2 ADA C . -10.54 -14.40 -23.85
C3 ADA C . -11.15 -14.68 -25.23
C4 ADA C . -11.34 -13.41 -26.06
C5 ADA C . -10.08 -12.53 -26.05
C6 ADA C . -10.33 -11.22 -26.72
O2 ADA C . -10.18 -15.63 -23.21
O3 ADA C . -12.38 -15.40 -25.09
O4 ADA C . -12.45 -12.65 -25.55
O5 ADA C . -9.64 -12.32 -24.70
O6B ADA C . -9.94 -10.18 -26.16
O6A ADA C . -10.93 -11.21 -27.83
C1 ADA C . -13.86 -12.77 -25.84
C2 ADA C . -14.39 -11.73 -26.82
C3 ADA C . -14.33 -10.34 -26.18
C4 ADA C . -15.05 -10.35 -24.82
C5 ADA C . -14.38 -11.40 -23.92
C6 ADA C . -14.99 -11.50 -22.54
O2 ADA C . -13.58 -11.78 -28.01
O3 ADA C . -14.87 -9.34 -27.05
O4 ADA C . -16.42 -10.74 -25.01
O5 ADA C . -14.51 -12.68 -24.56
O6B ADA C . -15.33 -10.46 -21.93
O6A ADA C . -15.12 -12.65 -22.07
C1 ADA C . -17.52 -9.88 -24.69
C2 ADA C . -18.77 -10.72 -24.46
C3 ADA C . -19.20 -11.33 -25.80
C4 ADA C . -19.34 -10.26 -26.89
C5 ADA C . -18.08 -9.42 -27.01
C6 ADA C . -18.30 -8.31 -28.00
O2 ADA C . -18.52 -11.74 -23.46
O3 ADA C . -20.42 -12.04 -25.62
O4 ADA C . -20.43 -9.38 -26.58
O5 ADA C . -17.74 -8.90 -25.71
O6B ADA C . -18.05 -7.13 -27.65
O6A ADA C . -18.69 -8.59 -29.14
C1 ADA C . -21.68 -9.08 -27.23
C2 ADA C . -22.37 -7.76 -26.93
C3 ADA C . -22.74 -7.71 -25.44
C4 ADA C . -23.60 -8.91 -25.06
C5 ADA C . -22.91 -10.22 -25.45
C6 ADA C . -23.78 -11.43 -25.27
O2 ADA C . -21.52 -6.66 -27.26
O3 ADA C . -23.40 -6.48 -25.14
O4 ADA C . -24.87 -8.84 -25.72
O5 ADA C . -22.48 -10.19 -26.82
O6B ADA C . -24.46 -11.55 -24.21
O6A ADA C . -23.80 -12.27 -26.20
C1 ADA C . -26.26 -8.95 -26.07
C2 ADA C . -27.01 -9.29 -27.37
C3 ADA C . -27.08 -8.04 -28.26
C4 ADA C . -27.71 -6.88 -27.50
C5 ADA C . -26.94 -6.63 -26.20
C6 ADA C . -27.56 -5.51 -25.40
O2 ADA C . -26.36 -10.36 -28.05
O3 ADA C . -27.81 -8.31 -29.45
O4 ADA C . -29.09 -7.19 -27.22
O5 ADA C . -26.86 -7.83 -25.41
O6B ADA C . -27.95 -5.75 -24.23
O6A ADA C . -27.66 -4.37 -25.93
C1 ADA D . 27.34 -8.79 8.41
C2 ADA D . 25.90 -8.44 8.87
C3 ADA D . 25.05 -7.83 7.75
C4 ADA D . 25.81 -6.76 6.97
C5 ADA D . 27.09 -7.40 6.43
C6 ADA D . 27.83 -6.46 5.50
O1 ADA D . 27.38 -10.09 7.80
O2 ADA D . 25.27 -9.60 9.41
O3 ADA D . 23.84 -7.28 8.28
O4 ADA D . 26.12 -5.63 7.82
O5 ADA D . 27.92 -7.80 7.54
O6B ADA D . 29.02 -6.18 5.74
O6A ADA D . 27.22 -6.00 4.51
C1 ADA D . 25.92 -4.59 8.79
C2 ADA D . 26.83 -3.35 8.86
C3 ADA D . 28.08 -3.66 9.69
C4 ADA D . 27.71 -4.29 11.04
C5 ADA D . 26.73 -5.46 10.88
C6 ADA D . 26.28 -5.99 12.21
O2 ADA D . 27.19 -2.94 7.54
O3 ADA D . 28.90 -2.49 9.89
O4 ADA D . 27.11 -3.32 11.91
O5 ADA D . 25.60 -4.99 10.13
O6B ADA D . 25.07 -6.18 12.42
O6A ADA D . 27.14 -6.23 13.09
C1 ADA D . 27.97 -2.53 12.75
C2 ADA D . 28.08 -3.01 14.19
C3 ADA D . 26.73 -2.87 14.89
C4 ADA D . 26.18 -1.44 14.72
C5 ADA D . 26.09 -1.11 13.22
C6 ADA D . 25.56 0.28 12.93
O2 ADA D . 28.52 -4.38 14.18
O3 ADA D . 26.81 -3.26 16.27
O4 ADA D . 27.09 -0.51 15.35
O5 ADA D . 27.39 -1.22 12.66
O6B ADA D . 24.53 0.72 13.50
O6A ADA D . 26.18 0.95 12.06
C1 ADA D . 26.59 0.25 16.47
C2 ADA D . 27.44 1.51 16.58
C3 ADA D . 28.84 1.16 17.05
C4 ADA D . 28.79 0.32 18.34
C5 ADA D . 27.88 -0.91 18.17
C6 ADA D . 27.76 -1.61 19.48
O2 ADA D . 27.49 2.17 15.30
O3 ADA D . 29.62 2.34 17.22
O4 ADA D . 28.31 1.08 19.45
O5 ADA D . 26.59 -0.49 17.69
O6B ADA D . 26.65 -1.66 20.06
O6A ADA D . 28.78 -2.16 19.95
C1 ADA D . 29.02 1.52 20.62
C2 ADA D . 28.15 1.94 21.80
C3 ADA D . 27.36 3.19 21.41
C4 ADA D . 28.32 4.31 21.00
C5 ADA D . 29.25 3.81 19.88
C6 ADA D . 30.28 4.84 19.49
O2 ADA D . 27.24 0.92 22.17
O3 ADA D . 26.51 3.58 22.49
O4 ADA D . 29.09 4.71 22.14
O5 ADA D . 29.91 2.59 20.25
O6B ADA D . 29.91 6.02 19.30
O6A ADA D . 31.46 4.46 19.37
C1 ADA D . 29.63 5.87 22.80
C2 ADA D . 30.99 5.92 23.53
C3 ADA D . 30.87 5.42 24.97
C4 ADA D . 29.69 6.06 25.69
C5 ADA D . 28.41 5.88 24.87
C6 ADA D . 27.20 6.45 25.57
O2 ADA D . 31.95 5.12 22.84
O3 ADA D . 32.09 5.71 25.67
O4 ADA D . 29.95 7.47 25.88
O5 ADA D . 28.59 6.49 23.58
O6B ADA D . 26.37 7.11 24.90
O6A ADA D . 27.04 6.24 26.79
#